data_7XWJ
#
_entry.id   7XWJ
#
_cell.length_a   85.108
_cell.length_b   65.116
_cell.length_c   89.216
_cell.angle_alpha   90.000
_cell.angle_beta   107.070
_cell.angle_gamma   90.000
#
_symmetry.space_group_name_H-M   'P 1 21 1'
#
loop_
_entity.id
_entity.type
_entity.pdbx_description
1 polymer 'Short-chain dehydrogenase/reductase'
2 non-polymer 'NADPH DIHYDRO-NICOTINAMIDE-ADENINE-DINUCLEOTIDE PHOSPHATE'
3 water water
#
_entity_poly.entity_id   1
_entity_poly.type   'polypeptide(L)'
_entity_poly.pdbx_seq_one_letter_code
;GAGAGAGAGAGMEQTYFISGANRGIGFSVVQRLAAKSGVKVIATARDPASATALNELAKENPQVKVVQLDISDEESIKKI
AKNVSQYTDSIDVFVSNAAIAKSFGPLLNTPREQWIEHFFTNVLGPIRLFQELYPLIKKGTQKKVFFISSNAGSLNLDFG
LDFSAFGQSKAALNYSTKELARQLKPENFIVAAVHPGVVTTDMGKGGERAFTAVDEVSAKKFFTPETKITPEESAAALCK
LFESLNTTGKYLSYDGTELPW
;
_entity_poly.pdbx_strand_id   A,B,C,D
#
loop_
_chem_comp.id
_chem_comp.type
_chem_comp.name
_chem_comp.formula
NDP non-polymer 'NADPH DIHYDRO-NICOTINAMIDE-ADENINE-DINUCLEOTIDE PHOSPHATE' 'C21 H30 N7 O17 P3'
#
# COMPACT_ATOMS: atom_id res chain seq x y z
N MET A 12 -0.49 3.18 -40.64
CA MET A 12 -0.85 2.39 -39.41
C MET A 12 0.39 1.68 -38.83
N GLU A 13 1.60 1.96 -39.35
CA GLU A 13 2.84 1.22 -38.99
C GLU A 13 3.32 1.65 -37.60
N GLN A 14 3.53 0.68 -36.72
CA GLN A 14 3.98 0.89 -35.33
C GLN A 14 5.46 0.48 -35.23
N THR A 15 6.29 1.28 -34.54
CA THR A 15 7.65 0.87 -34.14
C THR A 15 7.68 0.51 -32.65
N TYR A 16 8.19 -0.67 -32.36
CA TYR A 16 8.56 -1.14 -31.01
C TYR A 16 10.08 -1.07 -30.86
N PHE A 17 10.51 -0.67 -29.67
CA PHE A 17 11.89 -0.80 -29.16
C PHE A 17 11.89 -1.81 -28.01
N ILE A 18 12.67 -2.87 -28.15
CA ILE A 18 12.87 -3.92 -27.10
C ILE A 18 14.36 -4.06 -26.77
N SER A 19 14.80 -3.70 -25.56
CA SER A 19 16.19 -3.96 -25.08
C SER A 19 16.31 -5.43 -24.64
N GLY A 20 17.51 -6.01 -24.76
CA GLY A 20 17.78 -7.39 -24.30
C GLY A 20 16.98 -8.41 -25.09
N ALA A 21 17.03 -8.33 -26.41
CA ALA A 21 16.18 -9.11 -27.33
C ALA A 21 16.86 -10.41 -27.78
N ASN A 22 18.07 -10.71 -27.33
CA ASN A 22 18.92 -11.83 -27.85
C ASN A 22 18.49 -13.18 -27.25
N ARG A 23 17.80 -13.16 -26.10
CA ARG A 23 17.32 -14.38 -25.40
C ARG A 23 16.24 -14.00 -24.37
N GLY A 24 15.67 -15.01 -23.70
CA GLY A 24 14.68 -14.78 -22.64
C GLY A 24 13.43 -14.13 -23.19
N ILE A 25 12.78 -13.30 -22.38
CA ILE A 25 11.47 -12.67 -22.69
C ILE A 25 11.64 -11.74 -23.89
N GLY A 26 12.73 -10.97 -23.92
CA GLY A 26 12.99 -10.00 -24.98
C GLY A 26 12.91 -10.67 -26.35
N PHE A 27 13.62 -11.78 -26.51
CA PHE A 27 13.66 -12.58 -27.75
C PHE A 27 12.24 -13.03 -28.08
N SER A 28 11.53 -13.58 -27.09
CA SER A 28 10.16 -14.09 -27.33
C SER A 28 9.26 -12.91 -27.74
N VAL A 29 9.38 -11.73 -27.10
CA VAL A 29 8.58 -10.51 -27.48
C VAL A 29 8.90 -10.10 -28.94
N VAL A 30 10.16 -10.00 -29.31
CA VAL A 30 10.58 -9.66 -30.71
C VAL A 30 10.02 -10.72 -31.68
N GLN A 31 10.12 -12.00 -31.32
CA GLN A 31 9.62 -13.14 -32.12
C GLN A 31 8.11 -12.96 -32.33
N ARG A 32 7.38 -12.60 -31.28
CA ARG A 32 5.91 -12.42 -31.31
C ARG A 32 5.54 -11.21 -32.18
N LEU A 33 6.27 -10.10 -32.07
CA LEU A 33 6.06 -8.87 -32.89
C LEU A 33 6.40 -9.13 -34.36
N ALA A 34 7.42 -9.95 -34.63
CA ALA A 34 7.87 -10.25 -36.00
C ALA A 34 6.74 -10.91 -36.82
N ALA A 35 5.86 -11.67 -36.16
CA ALA A 35 4.74 -12.41 -36.77
C ALA A 35 3.57 -11.47 -37.12
N LYS A 36 3.48 -10.31 -36.48
CA LYS A 36 2.39 -9.30 -36.71
C LYS A 36 2.69 -8.48 -37.97
N SER A 37 1.69 -8.15 -38.78
CA SER A 37 1.88 -7.27 -39.96
C SER A 37 1.97 -5.81 -39.50
N GLY A 38 2.68 -4.98 -40.27
CA GLY A 38 2.78 -3.53 -40.06
C GLY A 38 3.48 -3.18 -38.76
N VAL A 39 4.30 -4.06 -38.19
CA VAL A 39 5.05 -3.77 -36.92
C VAL A 39 6.54 -3.78 -37.26
N LYS A 40 7.24 -2.67 -37.01
CA LYS A 40 8.73 -2.60 -37.09
C LYS A 40 9.28 -2.78 -35.68
N VAL A 41 10.35 -3.54 -35.53
CA VAL A 41 10.97 -3.87 -34.22
C VAL A 41 12.45 -3.47 -34.21
N ILE A 42 12.83 -2.56 -33.34
CA ILE A 42 14.25 -2.30 -33.02
C ILE A 42 14.59 -3.17 -31.81
N ALA A 43 15.43 -4.18 -32.05
CA ALA A 43 15.79 -5.20 -31.05
C ALA A 43 17.26 -4.99 -30.69
N THR A 44 17.60 -4.93 -29.40
CA THR A 44 18.99 -4.64 -28.98
C THR A 44 19.60 -5.89 -28.39
N ALA A 45 20.92 -6.01 -28.55
CA ALA A 45 21.74 -7.05 -27.90
C ALA A 45 23.06 -6.43 -27.49
N ARG A 46 23.55 -6.85 -26.33
CA ARG A 46 24.89 -6.50 -25.78
C ARG A 46 25.95 -6.83 -26.83
N ASP A 47 25.87 -8.03 -27.41
CA ASP A 47 26.85 -8.55 -28.40
C ASP A 47 26.07 -9.10 -29.59
N PRO A 48 25.64 -8.25 -30.55
CA PRO A 48 24.82 -8.74 -31.67
C PRO A 48 25.47 -9.86 -32.52
N ALA A 49 26.80 -9.87 -32.71
CA ALA A 49 27.54 -10.90 -33.51
C ALA A 49 27.19 -12.30 -33.02
N SER A 50 27.05 -12.52 -31.71
CA SER A 50 26.77 -13.85 -31.13
C SER A 50 25.28 -14.05 -30.83
N ALA A 51 24.37 -13.18 -31.32
CA ALA A 51 22.92 -13.24 -31.06
C ALA A 51 22.25 -14.15 -32.10
N THR A 52 22.63 -15.44 -32.16
CA THR A 52 22.35 -16.35 -33.30
C THR A 52 20.86 -16.35 -33.65
N ALA A 53 20.02 -16.71 -32.67
CA ALA A 53 18.56 -16.83 -32.90
C ALA A 53 18.01 -15.48 -33.41
N LEU A 54 18.45 -14.35 -32.84
CA LEU A 54 17.88 -13.01 -33.15
C LEU A 54 18.31 -12.63 -34.57
N ASN A 55 19.58 -12.84 -34.90
CA ASN A 55 20.13 -12.52 -36.25
C ASN A 55 19.34 -13.36 -37.28
N GLU A 56 19.11 -14.63 -36.97
CA GLU A 56 18.34 -15.55 -37.86
C GLU A 56 16.95 -14.97 -38.06
N LEU A 57 16.27 -14.55 -37.00
CA LEU A 57 14.94 -13.90 -37.06
C LEU A 57 15.00 -12.67 -37.97
N ALA A 58 16.03 -11.84 -37.80
CA ALA A 58 16.19 -10.59 -38.58
C ALA A 58 16.46 -10.94 -40.04
N LYS A 59 17.17 -12.04 -40.34
CA LYS A 59 17.44 -12.46 -41.74
C LYS A 59 16.13 -12.78 -42.48
N GLU A 60 15.21 -13.50 -41.84
CA GLU A 60 13.90 -13.90 -42.40
C GLU A 60 12.90 -12.74 -42.41
N ASN A 61 12.95 -11.83 -41.43
CA ASN A 61 11.95 -10.74 -41.33
C ASN A 61 12.65 -9.39 -41.23
N PRO A 62 12.71 -8.63 -42.36
CA PRO A 62 13.47 -7.38 -42.43
C PRO A 62 12.93 -6.23 -41.55
N GLN A 63 11.71 -6.37 -41.04
CA GLN A 63 11.09 -5.41 -40.10
C GLN A 63 11.78 -5.51 -38.72
N VAL A 64 12.61 -6.54 -38.50
CA VAL A 64 13.44 -6.68 -37.27
C VAL A 64 14.84 -6.10 -37.54
N LYS A 65 15.18 -5.00 -36.88
CA LYS A 65 16.51 -4.35 -36.95
C LYS A 65 17.23 -4.66 -35.66
N VAL A 66 18.46 -5.16 -35.75
CA VAL A 66 19.29 -5.47 -34.55
C VAL A 66 20.30 -4.34 -34.35
N VAL A 67 20.37 -3.83 -33.11
CA VAL A 67 21.31 -2.75 -32.71
C VAL A 67 21.97 -3.16 -31.40
N GLN A 68 23.23 -2.75 -31.21
CA GLN A 68 24.04 -3.01 -29.99
C GLN A 68 23.60 -2.05 -28.90
N LEU A 69 23.42 -2.58 -27.69
CA LEU A 69 23.21 -1.74 -26.49
C LEU A 69 23.64 -2.54 -25.27
N ASP A 70 24.52 -1.93 -24.48
CA ASP A 70 24.89 -2.40 -23.13
C ASP A 70 24.39 -1.34 -22.13
N ILE A 71 23.30 -1.63 -21.41
CA ILE A 71 22.63 -0.66 -20.51
C ILE A 71 23.49 -0.37 -19.28
N SER A 72 24.53 -1.16 -19.01
CA SER A 72 25.49 -0.91 -17.91
C SER A 72 26.50 0.15 -18.35
N ASP A 73 26.53 0.46 -19.63
CA ASP A 73 27.65 1.21 -20.26
C ASP A 73 27.13 2.54 -20.78
N GLU A 74 27.54 3.65 -20.13
CA GLU A 74 27.13 5.02 -20.52
C GLU A 74 27.54 5.29 -21.98
N GLU A 75 28.66 4.72 -22.44
CA GLU A 75 29.23 4.96 -23.79
C GLU A 75 28.31 4.33 -24.85
N SER A 76 27.78 3.15 -24.56
CA SER A 76 26.77 2.46 -25.38
C SER A 76 25.46 3.27 -25.37
N ILE A 77 25.01 3.71 -24.20
CA ILE A 77 23.74 4.46 -24.08
C ILE A 77 23.82 5.80 -24.82
N LYS A 78 24.94 6.48 -24.70
CA LYS A 78 25.20 7.75 -25.43
C LYS A 78 25.00 7.58 -26.95
N LYS A 79 24.97 6.35 -27.48
CA LYS A 79 24.89 6.19 -28.95
C LYS A 79 23.53 5.65 -29.40
N ILE A 80 22.71 5.15 -28.47
CA ILE A 80 21.49 4.39 -28.85
C ILE A 80 20.54 5.29 -29.66
N ALA A 81 20.38 6.57 -29.33
CA ALA A 81 19.40 7.44 -30.02
C ALA A 81 19.77 7.57 -31.50
N LYS A 82 21.01 7.92 -31.81
CA LYS A 82 21.43 8.17 -33.21
C LYS A 82 21.39 6.84 -33.97
N ASN A 83 21.68 5.73 -33.31
CA ASN A 83 21.76 4.40 -33.98
C ASN A 83 20.32 3.96 -34.30
N VAL A 84 19.38 4.10 -33.36
CA VAL A 84 17.94 3.74 -33.60
C VAL A 84 17.38 4.64 -34.73
N SER A 85 17.80 5.91 -34.81
CA SER A 85 17.31 6.91 -35.79
C SER A 85 17.70 6.54 -37.24
N GLN A 86 18.71 5.71 -37.45
CA GLN A 86 19.04 5.23 -38.83
C GLN A 86 17.93 4.29 -39.31
N TYR A 87 17.20 3.65 -38.40
CA TYR A 87 16.19 2.62 -38.75
C TYR A 87 14.76 3.17 -38.61
N THR A 88 14.53 4.28 -37.93
CA THR A 88 13.15 4.77 -37.63
C THR A 88 13.18 6.25 -37.27
N ASP A 89 12.07 6.95 -37.53
CA ASP A 89 11.87 8.38 -37.17
C ASP A 89 11.11 8.44 -35.84
N SER A 90 10.56 7.34 -35.33
CA SER A 90 9.80 7.33 -34.05
C SER A 90 9.71 5.92 -33.41
N ILE A 91 9.40 5.91 -32.12
CA ILE A 91 9.05 4.69 -31.34
C ILE A 91 7.63 4.87 -30.80
N ASP A 92 6.76 3.89 -31.02
CA ASP A 92 5.39 3.87 -30.50
C ASP A 92 5.43 3.25 -29.11
N VAL A 93 6.11 2.12 -28.99
CA VAL A 93 6.17 1.30 -27.76
C VAL A 93 7.64 1.07 -27.40
N PHE A 94 8.05 1.62 -26.26
CA PHE A 94 9.38 1.44 -25.65
C PHE A 94 9.30 0.35 -24.56
N VAL A 95 10.12 -0.68 -24.64
CA VAL A 95 10.18 -1.74 -23.58
C VAL A 95 11.62 -1.86 -23.07
N SER A 96 11.85 -1.39 -21.85
CA SER A 96 13.13 -1.61 -21.13
C SER A 96 13.06 -3.01 -20.53
N ASN A 97 13.58 -4.00 -21.25
CA ASN A 97 13.59 -5.43 -20.83
C ASN A 97 14.98 -5.85 -20.32
N ALA A 98 16.09 -5.57 -21.03
CA ALA A 98 17.46 -5.90 -20.58
C ALA A 98 17.64 -5.47 -19.11
N ALA A 99 18.11 -6.40 -18.28
CA ALA A 99 18.43 -6.23 -16.84
C ALA A 99 19.19 -7.45 -16.33
N ILE A 100 19.66 -7.39 -15.08
CA ILE A 100 20.32 -8.53 -14.41
C ILE A 100 19.56 -8.91 -13.16
N ALA A 101 19.75 -10.15 -12.72
CA ALA A 101 19.24 -10.75 -11.46
C ALA A 101 20.31 -11.71 -10.90
N LYS A 102 21.32 -11.16 -10.21
CA LYS A 102 22.55 -11.89 -9.82
C LYS A 102 22.75 -11.86 -8.30
N SER A 103 21.86 -11.23 -7.53
CA SER A 103 22.11 -10.92 -6.10
C SER A 103 20.83 -11.15 -5.30
N PHE A 104 20.83 -12.18 -4.44
CA PHE A 104 19.70 -12.60 -3.58
C PHE A 104 20.25 -12.84 -2.17
N GLY A 105 19.37 -13.08 -1.21
CA GLY A 105 19.84 -13.43 0.14
C GLY A 105 20.29 -12.23 0.97
N PRO A 106 20.78 -12.50 2.20
CA PRO A 106 20.78 -11.50 3.27
C PRO A 106 21.69 -10.30 3.02
N LEU A 107 21.36 -9.17 3.64
CA LEU A 107 22.09 -7.89 3.42
C LEU A 107 23.55 -8.06 3.86
N LEU A 108 23.81 -8.81 4.92
CA LEU A 108 25.17 -8.87 5.52
C LEU A 108 26.10 -9.69 4.62
N ASN A 109 25.54 -10.53 3.73
CA ASN A 109 26.30 -11.45 2.84
C ASN A 109 26.40 -10.86 1.42
N THR A 110 25.89 -9.65 1.19
CA THR A 110 25.84 -9.03 -0.16
C THR A 110 26.94 -8.00 -0.26
N PRO A 111 28.00 -8.26 -1.05
CA PRO A 111 29.14 -7.35 -1.08
C PRO A 111 28.85 -6.09 -1.91
N ARG A 112 29.62 -5.05 -1.69
CA ARG A 112 29.50 -3.73 -2.35
C ARG A 112 29.21 -3.89 -3.85
N GLU A 113 29.92 -4.76 -4.55
CA GLU A 113 29.96 -4.75 -6.03
C GLU A 113 28.62 -5.22 -6.58
N GLN A 114 27.86 -6.06 -5.85
CA GLN A 114 26.52 -6.55 -6.27
C GLN A 114 25.51 -5.39 -6.15
N TRP A 115 25.57 -4.58 -5.09
CA TRP A 115 24.69 -3.39 -4.94
C TRP A 115 24.98 -2.44 -6.10
N ILE A 116 26.26 -2.20 -6.39
CA ILE A 116 26.66 -1.23 -7.43
C ILE A 116 26.16 -1.73 -8.79
N GLU A 117 26.47 -2.98 -9.14
CA GLU A 117 26.14 -3.58 -10.46
C GLU A 117 24.63 -3.49 -10.69
N HIS A 118 23.81 -3.83 -9.70
CA HIS A 118 22.32 -3.78 -9.84
C HIS A 118 21.86 -2.32 -9.96
N PHE A 119 22.45 -1.38 -9.21
CA PHE A 119 22.14 0.05 -9.43
C PHE A 119 22.40 0.44 -10.90
N PHE A 120 23.62 0.28 -11.40
CA PHE A 120 24.01 0.77 -12.75
C PHE A 120 23.21 0.04 -13.84
N THR A 121 23.06 -1.28 -13.73
CA THR A 121 22.40 -2.06 -14.78
C THR A 121 20.87 -1.95 -14.72
N ASN A 122 20.26 -2.00 -13.54
CA ASN A 122 18.79 -2.16 -13.38
C ASN A 122 18.11 -0.80 -13.12
N VAL A 123 18.84 0.26 -12.72
CA VAL A 123 18.19 1.55 -12.35
C VAL A 123 18.65 2.64 -13.31
N LEU A 124 19.95 2.96 -13.29
CA LEU A 124 20.52 4.10 -14.04
C LEU A 124 20.39 3.80 -15.53
N GLY A 125 20.67 2.56 -15.93
CA GLY A 125 20.62 2.13 -17.33
C GLY A 125 19.25 2.40 -17.93
N PRO A 126 18.17 1.80 -17.40
CA PRO A 126 16.82 2.07 -17.86
C PRO A 126 16.49 3.57 -17.88
N ILE A 127 16.90 4.30 -16.85
CA ILE A 127 16.58 5.75 -16.74
C ILE A 127 17.28 6.46 -17.90
N ARG A 128 18.57 6.23 -18.07
CA ARG A 128 19.36 6.89 -19.16
C ARG A 128 18.84 6.48 -20.52
N LEU A 129 18.53 5.19 -20.69
CA LEU A 129 17.99 4.68 -21.99
C LEU A 129 16.71 5.45 -22.32
N PHE A 130 15.80 5.58 -21.36
CA PHE A 130 14.54 6.33 -21.59
C PHE A 130 14.86 7.78 -21.97
N GLN A 131 15.76 8.43 -21.24
CA GLN A 131 16.16 9.85 -21.51
C GLN A 131 16.59 9.98 -22.98
N GLU A 132 17.43 9.08 -23.46
CA GLU A 132 18.01 9.17 -24.82
C GLU A 132 16.90 8.92 -25.87
N LEU A 133 15.94 8.05 -25.55
CA LEU A 133 14.94 7.60 -26.55
C LEU A 133 13.65 8.40 -26.49
N TYR A 134 13.48 9.25 -25.47
CA TYR A 134 12.24 10.06 -25.26
C TYR A 134 11.87 10.84 -26.52
N PRO A 135 12.79 11.63 -27.14
CA PRO A 135 12.44 12.42 -28.32
C PRO A 135 11.77 11.55 -29.37
N LEU A 136 12.32 10.36 -29.64
CA LEU A 136 11.81 9.42 -30.68
C LEU A 136 10.41 8.98 -30.27
N ILE A 137 10.19 8.77 -28.98
CA ILE A 137 8.89 8.26 -28.45
C ILE A 137 7.90 9.40 -28.53
N LYS A 138 8.34 10.60 -28.14
CA LYS A 138 7.53 11.85 -28.28
C LYS A 138 6.95 11.93 -29.69
N LYS A 139 7.75 11.57 -30.70
CA LYS A 139 7.42 11.77 -32.15
C LYS A 139 6.44 10.68 -32.63
N GLY A 140 6.24 9.61 -31.86
CA GLY A 140 5.38 8.48 -32.27
C GLY A 140 3.95 8.68 -31.82
N THR A 141 3.06 7.75 -32.16
CA THR A 141 1.60 7.86 -31.90
C THR A 141 1.26 7.24 -30.54
N GLN A 142 1.66 5.99 -30.28
CA GLN A 142 1.19 5.24 -29.08
C GLN A 142 1.74 5.88 -27.78
N LYS A 143 2.97 6.41 -27.75
CA LYS A 143 3.63 7.02 -26.56
C LYS A 143 3.54 6.07 -25.37
N LYS A 144 3.93 4.83 -25.59
CA LYS A 144 3.82 3.77 -24.56
C LYS A 144 5.22 3.41 -24.08
N VAL A 145 5.38 3.32 -22.76
CA VAL A 145 6.70 3.21 -22.08
C VAL A 145 6.58 2.12 -21.04
N PHE A 146 7.22 0.98 -21.29
CA PHE A 146 7.17 -0.16 -20.36
C PHE A 146 8.52 -0.45 -19.75
N PHE A 147 8.56 -0.52 -18.42
CA PHE A 147 9.77 -0.96 -17.68
C PHE A 147 9.48 -2.38 -17.17
N ILE A 148 10.29 -3.34 -17.59
CA ILE A 148 10.12 -4.74 -17.13
C ILE A 148 10.70 -4.80 -15.72
N SER A 149 9.79 -4.88 -14.76
CA SER A 149 10.10 -4.82 -13.32
C SER A 149 10.02 -6.26 -12.78
N SER A 150 9.71 -6.43 -11.51
CA SER A 150 9.51 -7.74 -10.84
C SER A 150 8.48 -7.48 -9.75
N ASN A 151 7.65 -8.45 -9.39
CA ASN A 151 6.85 -8.33 -8.15
C ASN A 151 7.80 -8.28 -6.95
N ALA A 152 9.07 -8.68 -7.09
CA ALA A 152 10.02 -8.65 -5.95
C ALA A 152 10.37 -7.20 -5.63
N GLY A 153 10.12 -6.27 -6.56
CA GLY A 153 10.37 -4.83 -6.34
C GLY A 153 9.31 -4.18 -5.47
N SER A 154 8.20 -4.84 -5.20
CA SER A 154 7.09 -4.22 -4.42
C SER A 154 7.58 -3.96 -2.99
N LEU A 155 7.18 -2.82 -2.44
CA LEU A 155 7.42 -2.48 -1.02
C LEU A 155 6.36 -3.13 -0.13
N ASN A 156 5.37 -3.84 -0.67
CA ASN A 156 4.18 -4.30 0.09
C ASN A 156 3.81 -5.76 -0.24
N LEU A 157 4.73 -6.52 -0.81
CA LEU A 157 4.53 -7.98 -1.04
C LEU A 157 5.56 -8.72 -0.20
N ASP A 158 5.20 -9.87 0.37
CA ASP A 158 6.13 -10.72 1.14
C ASP A 158 6.12 -12.12 0.50
N PHE A 159 7.26 -12.58 -0.02
CA PHE A 159 7.39 -13.91 -0.69
C PHE A 159 8.21 -14.88 0.17
N GLY A 160 8.64 -14.44 1.36
CA GLY A 160 9.53 -15.21 2.26
C GLY A 160 10.88 -15.46 1.61
N LEU A 161 11.30 -14.56 0.73
CA LEU A 161 12.62 -14.65 0.07
C LEU A 161 13.31 -13.29 0.24
N ASP A 162 14.62 -13.29 0.36
CA ASP A 162 15.47 -12.08 0.30
C ASP A 162 15.81 -11.81 -1.16
N PHE A 163 15.62 -10.60 -1.68
CA PHE A 163 15.92 -10.23 -3.10
C PHE A 163 17.10 -9.25 -3.16
N SER A 164 17.59 -8.80 -2.01
CA SER A 164 18.92 -8.12 -1.90
C SER A 164 18.99 -7.00 -2.96
N ALA A 165 20.08 -6.92 -3.71
CA ALA A 165 20.35 -5.85 -4.69
C ALA A 165 19.38 -5.96 -5.86
N PHE A 166 18.96 -7.18 -6.27
CA PHE A 166 17.97 -7.34 -7.37
C PHE A 166 16.66 -6.62 -6.99
N GLY A 167 16.11 -6.97 -5.83
CA GLY A 167 14.83 -6.40 -5.34
C GLY A 167 14.92 -4.91 -5.13
N GLN A 168 16.01 -4.45 -4.50
CA GLN A 168 16.25 -3.01 -4.26
C GLN A 168 16.23 -2.27 -5.59
N SER A 169 16.87 -2.82 -6.63
CA SER A 169 17.03 -2.17 -7.96
C SER A 169 15.65 -2.05 -8.59
N LYS A 170 14.80 -3.06 -8.38
CA LYS A 170 13.45 -3.09 -8.99
C LYS A 170 12.56 -2.07 -8.26
N ALA A 171 12.68 -1.94 -6.93
CA ALA A 171 11.96 -0.92 -6.10
C ALA A 171 12.42 0.48 -6.50
N ALA A 172 13.72 0.72 -6.67
CA ALA A 172 14.21 2.05 -7.10
C ALA A 172 13.65 2.40 -8.49
N LEU A 173 13.70 1.44 -9.42
CA LEU A 173 13.21 1.72 -10.78
C LEU A 173 11.70 1.92 -10.68
N ASN A 174 11.01 1.16 -9.83
CA ASN A 174 9.55 1.33 -9.62
C ASN A 174 9.28 2.77 -9.15
N TYR A 175 10.02 3.26 -8.16
CA TYR A 175 9.82 4.61 -7.55
C TYR A 175 9.88 5.65 -8.67
N SER A 176 10.88 5.54 -9.56
CA SER A 176 11.18 6.54 -10.60
C SER A 176 10.19 6.39 -11.77
N THR A 177 9.71 5.17 -12.03
CA THR A 177 8.67 4.88 -13.06
C THR A 177 7.37 5.62 -12.69
N LYS A 178 6.95 5.50 -11.44
CA LYS A 178 5.70 6.10 -10.90
C LYS A 178 5.75 7.63 -11.03
N GLU A 179 6.90 8.24 -10.69
CA GLU A 179 7.17 9.69 -10.87
C GLU A 179 7.11 10.06 -12.35
N LEU A 180 7.75 9.26 -13.18
CA LEU A 180 7.77 9.53 -14.66
C LEU A 180 6.35 9.52 -15.22
N ALA A 181 5.52 8.54 -14.81
CA ALA A 181 4.10 8.48 -15.22
C ALA A 181 3.40 9.81 -14.91
N ARG A 182 3.62 10.38 -13.71
CA ARG A 182 3.06 11.72 -13.33
C ARG A 182 3.59 12.80 -14.28
N GLN A 183 4.90 12.84 -14.53
CA GLN A 183 5.54 13.91 -15.33
C GLN A 183 5.04 13.89 -16.79
N LEU A 184 4.73 12.73 -17.38
CA LEU A 184 4.44 12.62 -18.84
C LEU A 184 2.94 12.44 -19.07
N LYS A 185 2.13 12.50 -18.02
CA LYS A 185 0.65 12.44 -18.17
C LYS A 185 0.15 13.60 -19.03
N PRO A 186 0.63 14.85 -18.86
CA PRO A 186 0.18 15.98 -19.69
C PRO A 186 0.61 15.87 -21.16
N GLU A 187 1.61 15.03 -21.47
CA GLU A 187 2.05 14.72 -22.87
C GLU A 187 1.37 13.44 -23.39
N ASN A 188 0.41 12.89 -22.64
CA ASN A 188 -0.42 11.73 -23.04
C ASN A 188 0.44 10.48 -23.21
N PHE A 189 1.53 10.36 -22.45
CA PHE A 189 2.27 9.08 -22.36
C PHE A 189 1.53 8.11 -21.43
N ILE A 190 1.62 6.84 -21.80
CA ILE A 190 1.30 5.67 -20.95
C ILE A 190 2.60 5.05 -20.44
N VAL A 191 2.85 5.15 -19.14
CA VAL A 191 4.05 4.57 -18.48
C VAL A 191 3.59 3.48 -17.49
N ALA A 192 4.25 2.32 -17.55
CA ALA A 192 3.92 1.18 -16.66
C ALA A 192 5.19 0.47 -16.23
N ALA A 193 5.17 -0.04 -15.01
CA ALA A 193 6.07 -1.09 -14.50
C ALA A 193 5.35 -2.44 -14.63
N VAL A 194 6.01 -3.43 -15.25
CA VAL A 194 5.39 -4.75 -15.57
C VAL A 194 6.31 -5.89 -15.08
N HIS A 195 5.74 -6.70 -14.19
CA HIS A 195 6.22 -8.04 -13.78
C HIS A 195 5.92 -9.02 -14.91
N PRO A 196 6.96 -9.61 -15.56
CA PRO A 196 6.74 -10.48 -16.72
C PRO A 196 6.44 -11.95 -16.35
N GLY A 197 6.44 -12.26 -15.05
CA GLY A 197 6.29 -13.62 -14.49
C GLY A 197 7.63 -14.18 -14.06
N VAL A 198 7.63 -15.37 -13.44
CA VAL A 198 8.87 -16.13 -13.13
C VAL A 198 9.12 -17.11 -14.29
N VAL A 199 10.17 -16.92 -15.08
CA VAL A 199 10.46 -17.73 -16.30
C VAL A 199 11.70 -18.59 -16.03
N THR A 227 4.15 -22.06 -10.43
CA THR A 227 4.21 -20.57 -10.42
C THR A 227 4.94 -20.07 -11.67
N LYS A 228 5.92 -20.82 -12.20
CA LYS A 228 6.78 -20.40 -13.34
C LYS A 228 6.00 -20.51 -14.66
N ILE A 229 6.33 -19.67 -15.64
CA ILE A 229 5.78 -19.76 -17.04
C ILE A 229 6.98 -19.76 -18.00
N THR A 230 6.76 -20.10 -19.26
CA THR A 230 7.80 -20.07 -20.31
C THR A 230 7.95 -18.64 -20.81
N PRO A 231 9.09 -18.30 -21.43
CA PRO A 231 9.23 -16.97 -22.00
C PRO A 231 8.24 -16.69 -23.13
N GLU A 232 7.84 -17.71 -23.91
CA GLU A 232 6.86 -17.54 -25.01
C GLU A 232 5.47 -17.23 -24.44
N GLU A 233 5.12 -17.80 -23.27
CA GLU A 233 3.86 -17.48 -22.56
C GLU A 233 3.90 -16.05 -22.03
N SER A 234 4.98 -15.66 -21.33
CA SER A 234 5.21 -14.29 -20.84
C SER A 234 5.02 -13.28 -21.98
N ALA A 235 5.76 -13.48 -23.07
CA ALA A 235 5.74 -12.65 -24.30
C ALA A 235 4.31 -12.51 -24.85
N ALA A 236 3.57 -13.60 -24.99
CA ALA A 236 2.16 -13.57 -25.47
C ALA A 236 1.32 -12.66 -24.55
N ALA A 237 1.39 -12.89 -23.24
CA ALA A 237 0.66 -12.09 -22.24
C ALA A 237 1.13 -10.63 -22.28
N LEU A 238 2.44 -10.41 -22.37
CA LEU A 238 3.04 -9.04 -22.30
C LEU A 238 2.57 -8.27 -23.54
N CYS A 239 2.59 -8.89 -24.71
CA CYS A 239 2.21 -8.21 -25.97
C CYS A 239 0.75 -7.79 -25.94
N LYS A 240 -0.15 -8.61 -25.39
CA LYS A 240 -1.59 -8.27 -25.26
C LYS A 240 -1.71 -7.07 -24.32
N LEU A 241 -0.95 -7.09 -23.24
CA LEU A 241 -0.94 -6.03 -22.20
C LEU A 241 -0.51 -4.71 -22.85
N PHE A 242 0.63 -4.70 -23.57
CA PHE A 242 1.18 -3.51 -24.26
C PHE A 242 0.17 -2.92 -25.25
N GLU A 243 -0.57 -3.77 -25.94
CA GLU A 243 -1.63 -3.41 -26.93
C GLU A 243 -2.80 -2.68 -26.23
N SER A 244 -3.32 -3.23 -25.13
CA SER A 244 -4.59 -2.80 -24.51
C SER A 244 -4.37 -1.70 -23.45
N LEU A 245 -3.18 -1.57 -22.84
CA LEU A 245 -3.06 -0.62 -21.70
C LEU A 245 -3.32 0.77 -22.27
N ASN A 246 -4.28 1.50 -21.71
CA ASN A 246 -4.67 2.87 -22.15
C ASN A 246 -4.65 3.81 -20.95
N THR A 247 -3.95 3.46 -19.86
CA THR A 247 -3.87 4.29 -18.64
C THR A 247 -2.44 4.23 -18.07
N THR A 248 -1.95 5.37 -17.60
CA THR A 248 -0.56 5.55 -17.14
C THR A 248 -0.46 5.28 -15.63
N GLY A 249 0.76 4.96 -15.17
CA GLY A 249 1.10 4.91 -13.74
C GLY A 249 0.67 3.60 -13.11
N LYS A 250 0.50 2.54 -13.90
CA LYS A 250 0.11 1.20 -13.40
C LYS A 250 1.36 0.37 -13.07
N TYR A 251 1.29 -0.41 -11.99
CA TYR A 251 2.21 -1.52 -11.65
C TYR A 251 1.43 -2.80 -11.93
N LEU A 252 1.80 -3.52 -12.98
CA LEU A 252 1.01 -4.68 -13.48
C LEU A 252 1.86 -5.94 -13.52
N SER A 253 1.17 -7.05 -13.32
CA SER A 253 1.61 -8.42 -13.68
C SER A 253 1.30 -8.67 -15.16
N TYR A 254 1.97 -9.64 -15.76
CA TYR A 254 1.78 -10.07 -17.17
C TYR A 254 0.30 -10.34 -17.46
N ASP A 255 -0.48 -10.83 -16.49
CA ASP A 255 -1.91 -11.16 -16.76
C ASP A 255 -2.78 -9.89 -16.76
N GLY A 256 -2.20 -8.69 -16.61
CA GLY A 256 -2.96 -7.42 -16.60
C GLY A 256 -3.62 -7.12 -15.26
N THR A 257 -3.50 -7.96 -14.23
CA THR A 257 -3.85 -7.58 -12.84
C THR A 257 -2.82 -6.60 -12.25
N GLU A 258 -3.23 -5.75 -11.33
CA GLU A 258 -2.38 -4.72 -10.70
C GLU A 258 -1.61 -5.31 -9.51
N LEU A 259 -0.41 -4.79 -9.27
CA LEU A 259 0.40 -5.13 -8.08
C LEU A 259 0.47 -3.87 -7.25
N PRO A 260 0.61 -3.97 -5.92
CA PRO A 260 0.85 -2.81 -5.09
C PRO A 260 2.33 -2.41 -5.20
N TRP A 261 2.61 -1.11 -5.26
CA TRP A 261 3.99 -0.52 -5.29
C TRP A 261 4.79 -0.95 -4.05
N MET B 12 -24.13 20.76 -24.41
CA MET B 12 -23.00 21.24 -23.55
C MET B 12 -23.47 21.43 -22.10
N GLU B 13 -24.79 21.46 -21.85
CA GLU B 13 -25.38 21.52 -20.48
C GLU B 13 -24.99 20.25 -19.73
N GLN B 14 -24.60 20.38 -18.47
CA GLN B 14 -24.19 19.24 -17.61
C GLN B 14 -25.18 19.15 -16.45
N THR B 15 -25.61 17.94 -16.08
CA THR B 15 -26.37 17.73 -14.82
C THR B 15 -25.44 17.13 -13.75
N TYR B 16 -25.39 17.79 -12.59
CA TYR B 16 -24.75 17.32 -11.34
C TYR B 16 -25.84 16.80 -10.37
N PHE B 17 -25.54 15.70 -9.70
CA PHE B 17 -26.32 15.15 -8.58
C PHE B 17 -25.42 15.21 -7.35
N ILE B 18 -25.89 15.85 -6.29
CA ILE B 18 -25.18 16.01 -4.99
C ILE B 18 -26.15 15.60 -3.90
N SER B 19 -25.87 14.50 -3.20
CA SER B 19 -26.58 14.10 -1.95
C SER B 19 -26.05 14.95 -0.79
N GLY B 20 -26.92 15.33 0.15
CA GLY B 20 -26.51 16.04 1.37
C GLY B 20 -26.16 17.49 1.14
N ALA B 21 -26.99 18.20 0.39
CA ALA B 21 -26.68 19.55 -0.11
C ALA B 21 -27.27 20.65 0.79
N ASN B 22 -27.88 20.30 1.93
CA ASN B 22 -28.55 21.29 2.84
C ASN B 22 -27.54 22.05 3.68
N ARG B 23 -26.32 21.52 3.84
CA ARG B 23 -25.28 22.10 4.71
C ARG B 23 -23.92 21.49 4.39
N GLY B 24 -22.89 21.97 5.07
CA GLY B 24 -21.53 21.43 4.95
C GLY B 24 -21.00 21.54 3.54
N ILE B 25 -20.15 20.59 3.17
CA ILE B 25 -19.44 20.50 1.87
C ILE B 25 -20.47 20.42 0.76
N GLY B 26 -21.53 19.61 0.93
CA GLY B 26 -22.60 19.47 -0.07
C GLY B 26 -23.21 20.81 -0.45
N PHE B 27 -23.55 21.65 0.52
CA PHE B 27 -24.19 22.97 0.29
C PHE B 27 -23.20 23.85 -0.47
N SER B 28 -21.93 23.84 -0.05
CA SER B 28 -20.86 24.66 -0.68
C SER B 28 -20.64 24.23 -2.14
N VAL B 29 -20.64 22.92 -2.43
CA VAL B 29 -20.54 22.37 -3.82
C VAL B 29 -21.74 22.84 -4.68
N VAL B 30 -22.97 22.74 -4.18
CA VAL B 30 -24.18 23.21 -4.91
C VAL B 30 -24.08 24.73 -5.13
N GLN B 31 -23.70 25.48 -4.09
CA GLN B 31 -23.44 26.96 -4.09
C GLN B 31 -22.47 27.25 -5.25
N ARG B 32 -21.34 26.54 -5.30
CA ARG B 32 -20.30 26.66 -6.36
C ARG B 32 -20.89 26.32 -7.75
N LEU B 33 -21.65 25.23 -7.87
CA LEU B 33 -22.25 24.81 -9.18
C LEU B 33 -23.31 25.81 -9.65
N ALA B 34 -24.11 26.37 -8.73
CA ALA B 34 -25.19 27.32 -9.11
C ALA B 34 -24.57 28.57 -9.76
N ALA B 35 -23.32 28.91 -9.44
CA ALA B 35 -22.58 30.08 -9.97
C ALA B 35 -22.17 29.89 -11.43
N LYS B 36 -21.83 28.66 -11.82
CA LYS B 36 -21.37 28.33 -13.20
C LYS B 36 -22.58 28.50 -14.12
N SER B 37 -22.39 28.66 -15.43
CA SER B 37 -23.51 28.70 -16.42
C SER B 37 -23.63 27.34 -17.11
N GLY B 38 -24.83 27.02 -17.59
CA GLY B 38 -25.17 25.73 -18.22
C GLY B 38 -24.96 24.56 -17.27
N VAL B 39 -25.06 24.75 -15.95
CA VAL B 39 -25.01 23.60 -14.99
C VAL B 39 -26.40 23.43 -14.39
N LYS B 40 -26.98 22.24 -14.47
CA LYS B 40 -28.19 21.86 -13.70
C LYS B 40 -27.71 21.02 -12.50
N VAL B 41 -28.25 21.29 -11.33
CA VAL B 41 -27.83 20.68 -10.03
C VAL B 41 -29.05 20.09 -9.37
N ILE B 42 -29.12 18.76 -9.32
CA ILE B 42 -30.13 18.03 -8.51
C ILE B 42 -29.54 17.92 -7.11
N ALA B 43 -30.06 18.67 -6.16
CA ALA B 43 -29.50 18.75 -4.78
C ALA B 43 -30.45 18.01 -3.84
N THR B 44 -29.94 17.19 -2.91
CA THR B 44 -30.81 16.41 -2.00
C THR B 44 -30.69 16.87 -0.56
N ALA B 45 -31.78 16.71 0.18
CA ALA B 45 -31.83 16.89 1.63
C ALA B 45 -32.78 15.85 2.18
N ARG B 46 -32.45 15.38 3.36
CA ARG B 46 -33.25 14.48 4.23
C ARG B 46 -34.56 15.17 4.58
N ASP B 47 -34.54 16.49 4.81
CA ASP B 47 -35.73 17.30 5.17
C ASP B 47 -35.67 18.62 4.41
N PRO B 48 -36.07 18.62 3.11
CA PRO B 48 -36.01 19.83 2.30
C PRO B 48 -36.74 21.03 2.92
N ALA B 49 -37.87 20.81 3.63
CA ALA B 49 -38.72 21.87 4.24
C ALA B 49 -37.87 22.74 5.17
N SER B 50 -36.93 22.15 5.91
CA SER B 50 -36.07 22.88 6.88
C SER B 50 -34.76 23.33 6.24
N ALA B 51 -34.50 23.09 4.95
CA ALA B 51 -33.20 23.36 4.28
C ALA B 51 -33.14 24.84 3.86
N THR B 52 -33.13 25.77 4.83
CA THR B 52 -33.42 27.21 4.56
C THR B 52 -32.48 27.74 3.47
N ALA B 53 -31.18 27.69 3.68
CA ALA B 53 -30.16 28.25 2.76
C ALA B 53 -30.31 27.62 1.37
N LEU B 54 -30.50 26.30 1.31
CA LEU B 54 -30.53 25.56 0.01
C LEU B 54 -31.78 26.00 -0.74
N ASN B 55 -32.91 26.10 -0.05
CA ASN B 55 -34.21 26.52 -0.65
C ASN B 55 -34.05 27.94 -1.19
N GLU B 56 -33.37 28.81 -0.44
CA GLU B 56 -33.15 30.22 -0.86
C GLU B 56 -32.28 30.19 -2.10
N LEU B 57 -31.25 29.33 -2.14
CA LEU B 57 -30.37 29.18 -3.33
C LEU B 57 -31.23 28.80 -4.54
N ALA B 58 -32.10 27.79 -4.37
CA ALA B 58 -33.00 27.28 -5.44
C ALA B 58 -33.94 28.40 -5.90
N LYS B 59 -34.45 29.21 -4.97
CA LYS B 59 -35.44 30.27 -5.31
C LYS B 59 -34.78 31.26 -6.28
N GLU B 60 -33.53 31.67 -6.03
CA GLU B 60 -32.81 32.68 -6.85
C GLU B 60 -32.25 32.02 -8.11
N ASN B 61 -32.02 30.71 -8.12
CA ASN B 61 -31.38 30.04 -9.28
C ASN B 61 -32.15 28.77 -9.62
N PRO B 62 -32.93 28.80 -10.74
CA PRO B 62 -33.80 27.68 -11.09
C PRO B 62 -33.08 26.46 -11.70
N GLN B 63 -31.77 26.55 -11.91
CA GLN B 63 -30.92 25.39 -12.31
C GLN B 63 -30.69 24.45 -11.11
N VAL B 64 -31.01 24.91 -9.89
CA VAL B 64 -30.87 24.10 -8.65
C VAL B 64 -32.26 23.51 -8.32
N LYS B 65 -32.38 22.19 -8.40
CA LYS B 65 -33.61 21.42 -8.06
C LYS B 65 -33.40 20.69 -6.73
N VAL B 66 -34.30 20.88 -5.77
CA VAL B 66 -34.20 20.25 -4.43
C VAL B 66 -35.16 19.05 -4.39
N VAL B 67 -34.65 17.90 -3.94
CA VAL B 67 -35.37 16.61 -3.85
C VAL B 67 -34.97 15.97 -2.52
N GLN B 68 -35.92 15.25 -1.92
CA GLN B 68 -35.77 14.56 -0.62
C GLN B 68 -35.00 13.27 -0.84
N LEU B 69 -34.03 13.00 0.02
CA LEU B 69 -33.28 11.71 0.08
C LEU B 69 -32.74 11.52 1.49
N ASP B 70 -33.09 10.37 2.06
CA ASP B 70 -32.46 9.81 3.29
C ASP B 70 -31.75 8.51 2.94
N ILE B 71 -30.41 8.53 2.99
CA ILE B 71 -29.56 7.43 2.45
C ILE B 71 -29.56 6.27 3.45
N SER B 72 -30.06 6.50 4.66
CA SER B 72 -30.26 5.46 5.70
C SER B 72 -31.57 4.71 5.44
N ASP B 73 -32.41 5.21 4.53
CA ASP B 73 -33.82 4.78 4.35
C ASP B 73 -34.01 4.15 2.97
N GLU B 74 -34.20 2.82 2.92
CA GLU B 74 -34.39 2.05 1.66
C GLU B 74 -35.60 2.61 0.91
N GLU B 75 -36.64 3.08 1.65
CA GLU B 75 -37.92 3.61 1.09
C GLU B 75 -37.72 4.98 0.45
N SER B 76 -36.79 5.79 0.94
CA SER B 76 -36.37 7.06 0.29
C SER B 76 -35.55 6.70 -0.98
N ILE B 77 -34.57 5.82 -0.85
CA ILE B 77 -33.70 5.34 -1.97
C ILE B 77 -34.52 4.74 -3.13
N LYS B 78 -35.51 3.91 -2.84
CA LYS B 78 -36.42 3.34 -3.87
C LYS B 78 -37.17 4.41 -4.68
N LYS B 79 -37.23 5.67 -4.23
CA LYS B 79 -37.96 6.76 -4.93
C LYS B 79 -37.01 7.67 -5.72
N ILE B 80 -35.71 7.65 -5.43
CA ILE B 80 -34.81 8.74 -5.87
C ILE B 80 -34.70 8.79 -7.40
N ALA B 81 -34.65 7.66 -8.09
CA ALA B 81 -34.48 7.66 -9.57
C ALA B 81 -35.70 8.29 -10.23
N LYS B 82 -36.91 7.90 -9.88
CA LYS B 82 -38.10 8.44 -10.58
C LYS B 82 -38.27 9.93 -10.20
N ASN B 83 -37.85 10.35 -9.00
CA ASN B 83 -38.05 11.75 -8.53
C ASN B 83 -37.03 12.65 -9.25
N VAL B 84 -35.78 12.17 -9.39
CA VAL B 84 -34.70 12.89 -10.13
C VAL B 84 -35.12 13.01 -11.62
N SER B 85 -35.75 11.97 -12.16
CA SER B 85 -36.12 11.88 -13.59
C SER B 85 -37.15 12.97 -13.94
N GLN B 86 -37.89 13.50 -12.98
CA GLN B 86 -38.89 14.58 -13.26
C GLN B 86 -38.15 15.88 -13.60
N TYR B 87 -36.89 15.98 -13.19
CA TYR B 87 -36.08 17.19 -13.40
C TYR B 87 -35.02 16.97 -14.48
N THR B 88 -34.71 15.73 -14.89
CA THR B 88 -33.57 15.48 -15.82
C THR B 88 -33.70 14.10 -16.47
N ASP B 89 -33.18 13.96 -17.69
CA ASP B 89 -33.09 12.68 -18.42
C ASP B 89 -31.69 12.05 -18.23
N SER B 90 -30.74 12.74 -17.62
CA SER B 90 -29.37 12.20 -17.40
C SER B 90 -28.64 12.92 -16.25
N ILE B 91 -27.69 12.22 -15.63
CA ILE B 91 -26.69 12.80 -14.71
C ILE B 91 -25.31 12.65 -15.37
N ASP B 92 -24.54 13.74 -15.40
CA ASP B 92 -23.14 13.78 -15.88
C ASP B 92 -22.20 13.42 -14.72
N VAL B 93 -22.40 14.06 -13.59
CA VAL B 93 -21.53 13.93 -12.40
C VAL B 93 -22.42 13.56 -11.22
N PHE B 94 -22.16 12.39 -10.66
CA PHE B 94 -22.80 11.86 -9.43
C PHE B 94 -21.84 12.11 -8.27
N VAL B 95 -22.34 12.77 -7.23
CA VAL B 95 -21.58 12.93 -5.97
C VAL B 95 -22.41 12.40 -4.81
N SER B 96 -21.95 11.29 -4.24
CA SER B 96 -22.44 10.71 -2.96
C SER B 96 -21.70 11.42 -1.83
N ASN B 97 -22.33 12.46 -1.28
CA ASN B 97 -21.76 13.32 -0.23
C ASN B 97 -22.44 13.05 1.12
N ALA B 98 -23.79 13.00 1.22
CA ALA B 98 -24.49 12.69 2.50
C ALA B 98 -23.83 11.47 3.14
N ALA B 99 -23.56 11.56 4.44
CA ALA B 99 -22.94 10.51 5.28
C ALA B 99 -23.01 10.93 6.74
N ILE B 100 -22.65 10.04 7.66
CA ILE B 100 -22.52 10.40 9.09
C ILE B 100 -21.09 10.13 9.56
N ALA B 101 -20.74 10.75 10.68
CA ALA B 101 -19.46 10.54 11.39
C ALA B 101 -19.72 10.75 12.89
N LYS B 102 -20.21 9.71 13.58
CA LYS B 102 -20.69 9.81 14.98
C LYS B 102 -20.00 8.78 15.88
N SER B 103 -19.02 8.04 15.38
CA SER B 103 -18.42 6.88 16.12
C SER B 103 -16.91 6.90 15.93
N PHE B 104 -16.18 7.20 17.01
CA PHE B 104 -14.70 7.31 17.06
C PHE B 104 -14.22 6.52 18.29
N GLY B 105 -12.91 6.34 18.42
CA GLY B 105 -12.36 5.70 19.61
C GLY B 105 -12.48 4.18 19.61
N PRO B 106 -12.19 3.56 20.77
CA PRO B 106 -11.83 2.14 20.84
C PRO B 106 -12.98 1.17 20.53
N LEU B 107 -12.62 0.03 19.94
CA LEU B 107 -13.57 -1.04 19.53
C LEU B 107 -14.37 -1.53 20.74
N LEU B 108 -13.74 -1.71 21.90
CA LEU B 108 -14.44 -2.27 23.08
C LEU B 108 -15.47 -1.27 23.61
N ASN B 109 -15.34 0.02 23.29
CA ASN B 109 -16.25 1.11 23.75
C ASN B 109 -17.34 1.43 22.71
N THR B 110 -17.33 0.78 21.53
CA THR B 110 -18.24 1.12 20.40
C THR B 110 -19.39 0.13 20.42
N PRO B 111 -20.60 0.59 20.80
CA PRO B 111 -21.76 -0.31 20.86
C PRO B 111 -22.31 -0.71 19.48
N ARG B 112 -23.01 -1.85 19.44
CA ARG B 112 -23.58 -2.49 18.23
C ARG B 112 -24.22 -1.47 17.28
N GLU B 113 -25.05 -0.59 17.83
CA GLU B 113 -25.92 0.31 17.04
C GLU B 113 -25.06 1.35 16.27
N GLN B 114 -23.88 1.66 16.78
CA GLN B 114 -22.95 2.58 16.05
C GLN B 114 -22.38 1.86 14.84
N TRP B 115 -22.03 0.58 14.95
CA TRP B 115 -21.50 -0.22 13.81
C TRP B 115 -22.59 -0.35 12.74
N ILE B 116 -23.83 -0.65 13.19
CA ILE B 116 -25.01 -0.81 12.30
C ILE B 116 -25.29 0.52 11.60
N GLU B 117 -25.41 1.62 12.33
CA GLU B 117 -25.82 2.91 11.75
C GLU B 117 -24.82 3.33 10.66
N HIS B 118 -23.51 3.22 10.92
CA HIS B 118 -22.45 3.61 9.94
C HIS B 118 -22.46 2.66 8.72
N PHE B 119 -22.76 1.38 8.89
CA PHE B 119 -22.93 0.48 7.73
C PHE B 119 -24.10 0.96 6.84
N PHE B 120 -25.30 1.11 7.40
CA PHE B 120 -26.52 1.43 6.63
C PHE B 120 -26.35 2.79 5.95
N THR B 121 -25.89 3.78 6.72
CA THR B 121 -25.83 5.17 6.23
C THR B 121 -24.64 5.40 5.32
N ASN B 122 -23.47 4.81 5.62
CA ASN B 122 -22.19 5.20 4.95
C ASN B 122 -21.75 4.16 3.91
N VAL B 123 -22.27 2.92 3.94
CA VAL B 123 -21.86 1.86 2.99
C VAL B 123 -23.02 1.51 2.07
N LEU B 124 -24.09 0.94 2.65
CA LEU B 124 -25.28 0.43 1.91
C LEU B 124 -25.98 1.60 1.22
N GLY B 125 -26.13 2.70 1.94
CA GLY B 125 -26.75 3.94 1.44
C GLY B 125 -26.15 4.32 0.10
N PRO B 126 -24.86 4.72 0.04
CA PRO B 126 -24.23 5.11 -1.22
C PRO B 126 -24.31 4.02 -2.30
N ILE B 127 -24.18 2.76 -1.93
CA ILE B 127 -24.19 1.64 -2.92
C ILE B 127 -25.55 1.60 -3.61
N ARG B 128 -26.62 1.59 -2.82
CA ARG B 128 -28.02 1.53 -3.32
C ARG B 128 -28.34 2.80 -4.09
N LEU B 129 -27.95 3.97 -3.56
CA LEU B 129 -28.13 5.25 -4.29
C LEU B 129 -27.48 5.10 -5.67
N PHE B 130 -26.24 4.62 -5.73
CA PHE B 130 -25.56 4.45 -7.04
C PHE B 130 -26.37 3.49 -7.94
N GLN B 131 -26.78 2.34 -7.41
CA GLN B 131 -27.55 1.31 -8.18
C GLN B 131 -28.76 2.00 -8.82
N GLU B 132 -29.47 2.81 -8.03
CA GLU B 132 -30.73 3.47 -8.47
C GLU B 132 -30.40 4.51 -9.55
N LEU B 133 -29.29 5.25 -9.45
CA LEU B 133 -29.05 6.39 -10.39
C LEU B 133 -28.15 6.02 -11.55
N TYR B 134 -27.69 4.77 -11.63
CA TYR B 134 -26.73 4.32 -12.68
C TYR B 134 -27.33 4.59 -14.08
N PRO B 135 -28.60 4.20 -14.34
CA PRO B 135 -29.19 4.34 -15.68
C PRO B 135 -29.20 5.80 -16.15
N LEU B 136 -29.59 6.73 -15.27
CA LEU B 136 -29.49 8.20 -15.50
C LEU B 136 -28.03 8.55 -15.81
N ILE B 137 -27.07 7.96 -15.12
CA ILE B 137 -25.64 8.34 -15.34
C ILE B 137 -25.20 7.75 -16.68
N LYS B 138 -25.60 6.52 -16.98
CA LYS B 138 -25.25 5.84 -18.25
C LYS B 138 -25.70 6.70 -19.45
N LYS B 139 -26.82 7.39 -19.33
CA LYS B 139 -27.43 8.21 -20.41
C LYS B 139 -26.74 9.57 -20.52
N GLY B 140 -25.91 9.99 -19.56
CA GLY B 140 -25.21 11.29 -19.63
C GLY B 140 -23.88 11.20 -20.36
N THR B 141 -23.18 12.32 -20.50
CA THR B 141 -21.91 12.39 -21.26
C THR B 141 -20.72 12.12 -20.33
N GLN B 142 -20.56 12.85 -19.22
CA GLN B 142 -19.30 12.80 -18.41
C GLN B 142 -19.10 11.43 -17.74
N LYS B 143 -20.17 10.75 -17.30
CA LYS B 143 -20.11 9.42 -16.62
C LYS B 143 -19.10 9.47 -15.47
N LYS B 144 -19.21 10.48 -14.65
CA LYS B 144 -18.33 10.66 -13.47
C LYS B 144 -19.08 10.27 -12.22
N VAL B 145 -18.41 9.55 -11.33
CA VAL B 145 -19.01 8.96 -10.10
C VAL B 145 -18.05 9.19 -8.94
N PHE B 146 -18.43 10.09 -8.01
CA PHE B 146 -17.59 10.45 -6.85
C PHE B 146 -18.28 9.99 -5.57
N PHE B 147 -17.55 9.23 -4.75
CA PHE B 147 -17.95 8.90 -3.36
C PHE B 147 -17.09 9.73 -2.43
N ILE B 148 -17.73 10.57 -1.63
CA ILE B 148 -16.98 11.39 -0.65
C ILE B 148 -16.60 10.46 0.48
N SER B 149 -15.32 10.13 0.51
CA SER B 149 -14.70 9.18 1.44
C SER B 149 -14.02 9.99 2.55
N SER B 150 -13.03 9.41 3.19
CA SER B 150 -12.18 10.09 4.19
C SER B 150 -10.81 9.43 4.08
N ASN B 151 -9.74 10.17 4.34
CA ASN B 151 -8.40 9.54 4.50
C ASN B 151 -8.45 8.60 5.70
N ALA B 152 -9.42 8.72 6.62
CA ALA B 152 -9.56 7.80 7.77
C ALA B 152 -9.93 6.40 7.28
N GLY B 153 -10.41 6.29 6.03
CA GLY B 153 -10.83 5.01 5.43
C GLY B 153 -9.65 4.20 4.91
N SER B 154 -8.47 4.80 4.79
CA SER B 154 -7.28 4.10 4.23
C SER B 154 -6.88 2.96 5.16
N LEU B 155 -6.52 1.82 4.59
CA LEU B 155 -5.93 0.67 5.29
C LEU B 155 -4.45 0.92 5.53
N ASN B 156 -3.87 2.03 5.02
CA ASN B 156 -2.41 2.22 4.94
C ASN B 156 -1.97 3.60 5.42
N LEU B 157 -2.79 4.28 6.23
CA LEU B 157 -2.46 5.58 6.87
C LEU B 157 -2.66 5.45 8.38
N ASP B 158 -1.77 6.05 9.16
CA ASP B 158 -1.82 6.06 10.65
C ASP B 158 -1.85 7.51 11.11
N PHE B 159 -2.98 7.96 11.67
CA PHE B 159 -3.17 9.34 12.17
C PHE B 159 -3.07 9.40 13.70
N GLY B 160 -2.74 8.29 14.36
CA GLY B 160 -2.70 8.20 15.84
C GLY B 160 -4.08 8.40 16.43
N LEU B 161 -5.13 8.09 15.67
CA LEU B 161 -6.52 8.24 16.14
C LEU B 161 -7.27 6.94 15.80
N ASP B 162 -8.23 6.58 16.65
CA ASP B 162 -9.22 5.51 16.40
C ASP B 162 -10.41 6.11 15.63
N PHE B 163 -10.85 5.51 14.53
CA PHE B 163 -12.00 5.99 13.72
C PHE B 163 -13.17 5.02 13.78
N SER B 164 -13.00 3.88 14.44
CA SER B 164 -14.13 3.05 14.89
C SER B 164 -15.03 2.81 13.66
N ALA B 165 -16.35 2.93 13.83
CA ALA B 165 -17.38 2.58 12.83
C ALA B 165 -17.31 3.57 11.68
N PHE B 166 -16.95 4.84 11.95
CA PHE B 166 -16.78 5.85 10.87
C PHE B 166 -15.69 5.39 9.89
N GLY B 167 -14.53 5.03 10.43
CA GLY B 167 -13.37 4.62 9.60
C GLY B 167 -13.65 3.31 8.88
N GLN B 168 -14.26 2.36 9.57
CA GLN B 168 -14.63 1.04 9.01
C GLN B 168 -15.58 1.28 7.83
N SER B 169 -16.55 2.19 7.99
CA SER B 169 -17.58 2.48 6.96
C SER B 169 -16.90 3.04 5.72
N LYS B 170 -15.91 3.91 5.90
CA LYS B 170 -15.20 4.55 4.76
C LYS B 170 -14.33 3.49 4.06
N ALA B 171 -13.71 2.55 4.80
CA ALA B 171 -12.85 1.47 4.25
C ALA B 171 -13.74 0.52 3.44
N ALA B 172 -14.91 0.18 3.97
CA ALA B 172 -15.88 -0.69 3.29
C ALA B 172 -16.27 -0.03 1.95
N LEU B 173 -16.64 1.24 1.98
CA LEU B 173 -17.13 1.88 0.74
C LEU B 173 -15.93 2.02 -0.20
N ASN B 174 -14.74 2.29 0.32
CA ASN B 174 -13.53 2.38 -0.55
C ASN B 174 -13.39 1.04 -1.27
N TYR B 175 -13.46 -0.09 -0.55
CA TYR B 175 -13.24 -1.43 -1.14
C TYR B 175 -14.19 -1.64 -2.32
N SER B 176 -15.47 -1.31 -2.14
CA SER B 176 -16.53 -1.50 -3.16
C SER B 176 -16.38 -0.44 -4.25
N THR B 177 -15.87 0.75 -3.92
CA THR B 177 -15.65 1.83 -4.93
C THR B 177 -14.59 1.34 -5.93
N LYS B 178 -13.50 0.75 -5.41
CA LYS B 178 -12.38 0.22 -6.22
C LYS B 178 -12.91 -0.84 -7.20
N GLU B 179 -13.72 -1.79 -6.73
CA GLU B 179 -14.31 -2.86 -7.59
C GLU B 179 -15.21 -2.20 -8.63
N LEU B 180 -16.00 -1.22 -8.22
CA LEU B 180 -16.93 -0.52 -9.12
C LEU B 180 -16.12 0.10 -10.26
N ALA B 181 -14.97 0.72 -9.96
CA ALA B 181 -14.11 1.35 -10.99
C ALA B 181 -13.76 0.31 -12.05
N ARG B 182 -13.28 -0.86 -11.65
CA ARG B 182 -12.94 -1.98 -12.57
C ARG B 182 -14.19 -2.33 -13.40
N GLN B 183 -15.30 -2.61 -12.73
CA GLN B 183 -16.54 -3.11 -13.40
C GLN B 183 -16.99 -2.14 -14.50
N LEU B 184 -16.88 -0.82 -14.30
CA LEU B 184 -17.48 0.18 -15.23
C LEU B 184 -16.42 0.80 -16.15
N LYS B 185 -15.16 0.35 -16.05
CA LYS B 185 -14.11 0.81 -16.99
C LYS B 185 -14.57 0.59 -18.44
N PRO B 186 -15.11 -0.59 -18.82
CA PRO B 186 -15.52 -0.83 -20.21
C PRO B 186 -16.64 0.08 -20.71
N GLU B 187 -17.38 0.70 -19.79
CA GLU B 187 -18.47 1.66 -20.11
C GLU B 187 -17.94 3.10 -20.06
N ASN B 188 -16.63 3.30 -19.95
CA ASN B 188 -15.97 4.64 -19.95
C ASN B 188 -16.42 5.50 -18.76
N PHE B 189 -16.90 4.87 -17.68
CA PHE B 189 -17.18 5.60 -16.41
C PHE B 189 -15.85 5.99 -15.75
N ILE B 190 -15.87 7.15 -15.09
CA ILE B 190 -14.80 7.58 -14.15
C ILE B 190 -15.35 7.50 -12.73
N VAL B 191 -14.79 6.60 -11.92
CA VAL B 191 -15.18 6.38 -10.50
C VAL B 191 -13.99 6.73 -9.59
N ALA B 192 -14.26 7.51 -8.55
CA ALA B 192 -13.24 7.95 -7.59
C ALA B 192 -13.84 7.96 -6.17
N ALA B 193 -13.01 7.63 -5.19
CA ALA B 193 -13.18 7.97 -3.77
C ALA B 193 -12.37 9.24 -3.52
N VAL B 194 -12.97 10.24 -2.88
CA VAL B 194 -12.32 11.55 -2.59
C VAL B 194 -12.48 11.89 -1.10
N HIS B 195 -11.35 12.15 -0.44
CA HIS B 195 -11.26 12.79 0.89
C HIS B 195 -11.44 14.29 0.71
N PRO B 196 -12.49 14.90 1.29
CA PRO B 196 -12.80 16.31 1.05
C PRO B 196 -12.05 17.30 1.96
N GLY B 197 -11.15 16.78 2.80
CA GLY B 197 -10.40 17.55 3.81
C GLY B 197 -11.06 17.41 5.16
N VAL B 198 -10.51 18.05 6.18
CA VAL B 198 -11.11 18.11 7.55
C VAL B 198 -11.75 19.49 7.70
N VAL B 199 -13.08 19.53 7.90
CA VAL B 199 -13.89 20.78 7.93
C VAL B 199 -14.66 20.81 9.25
N THR B 227 -4.27 22.13 8.19
CA THR B 227 -4.86 20.78 8.02
C THR B 227 -6.39 20.90 7.92
N LYS B 228 -7.03 21.76 8.72
CA LYS B 228 -8.50 21.98 8.64
C LYS B 228 -8.79 23.07 7.60
N ILE B 229 -9.86 22.89 6.79
CA ILE B 229 -10.31 23.88 5.76
C ILE B 229 -11.82 24.13 5.94
N THR B 230 -12.30 25.21 5.34
CA THR B 230 -13.73 25.58 5.34
C THR B 230 -14.46 24.75 4.29
N PRO B 231 -15.79 24.57 4.39
CA PRO B 231 -16.52 23.85 3.35
C PRO B 231 -16.42 24.55 1.97
N GLU B 232 -16.37 25.88 1.93
CA GLU B 232 -16.29 26.66 0.65
C GLU B 232 -14.93 26.40 -0.01
N GLU B 233 -13.88 26.22 0.80
CA GLU B 233 -12.52 25.87 0.30
C GLU B 233 -12.48 24.43 -0.21
N SER B 234 -13.02 23.49 0.58
CA SER B 234 -13.22 22.08 0.13
C SER B 234 -14.01 22.06 -1.18
N ALA B 235 -15.14 22.76 -1.24
CA ALA B 235 -16.02 22.80 -2.44
C ALA B 235 -15.26 23.34 -3.66
N ALA B 236 -14.50 24.44 -3.53
CA ALA B 236 -13.74 25.01 -4.66
C ALA B 236 -12.76 23.96 -5.21
N ALA B 237 -12.04 23.28 -4.31
CA ALA B 237 -11.03 22.25 -4.62
C ALA B 237 -11.73 21.02 -5.23
N LEU B 238 -12.86 20.57 -4.68
CA LEU B 238 -13.57 19.37 -5.18
C LEU B 238 -14.13 19.62 -6.58
N CYS B 239 -14.70 20.79 -6.83
CA CYS B 239 -15.28 21.12 -8.15
C CYS B 239 -14.21 21.11 -9.24
N LYS B 240 -12.99 21.58 -8.96
CA LYS B 240 -11.85 21.57 -9.91
C LYS B 240 -11.45 20.11 -10.19
N LEU B 241 -11.48 19.28 -9.15
CA LEU B 241 -11.14 17.84 -9.23
C LEU B 241 -12.19 17.11 -10.06
N PHE B 242 -13.47 17.25 -9.73
CA PHE B 242 -14.58 16.63 -10.49
C PHE B 242 -14.43 16.89 -11.99
N GLU B 243 -14.14 18.12 -12.38
CA GLU B 243 -14.21 18.46 -13.82
C GLU B 243 -12.90 18.06 -14.51
N SER B 244 -11.75 18.02 -13.81
CA SER B 244 -10.45 17.68 -14.44
C SER B 244 -10.18 16.16 -14.43
N LEU B 245 -10.72 15.38 -13.48
CA LEU B 245 -10.34 13.94 -13.39
C LEU B 245 -10.75 13.25 -14.70
N ASN B 246 -9.82 12.58 -15.38
CA ASN B 246 -10.08 11.88 -16.66
C ASN B 246 -9.66 10.41 -16.56
N THR B 247 -9.43 9.84 -15.36
CA THR B 247 -9.12 8.39 -15.19
C THR B 247 -9.84 7.85 -13.98
N THR B 248 -10.15 6.55 -14.02
CA THR B 248 -11.00 5.85 -13.03
C THR B 248 -10.09 5.15 -12.02
N GLY B 249 -10.64 4.82 -10.85
CA GLY B 249 -10.03 3.90 -9.88
C GLY B 249 -9.12 4.61 -8.92
N LYS B 250 -9.21 5.94 -8.86
CA LYS B 250 -8.37 6.80 -7.98
C LYS B 250 -9.05 7.01 -6.63
N TYR B 251 -8.22 7.00 -5.57
CA TYR B 251 -8.46 7.48 -4.19
C TYR B 251 -7.69 8.79 -4.05
N LEU B 252 -8.41 9.90 -3.98
CA LEU B 252 -7.84 11.26 -4.08
C LEU B 252 -8.22 12.05 -2.85
N SER B 253 -7.29 12.91 -2.45
CA SER B 253 -7.51 14.07 -1.58
C SER B 253 -8.05 15.21 -2.46
N TYR B 254 -8.76 16.16 -1.83
CA TYR B 254 -9.40 17.36 -2.46
C TYR B 254 -8.39 18.16 -3.30
N ASP B 255 -7.10 18.15 -2.94
CA ASP B 255 -6.04 18.83 -3.73
C ASP B 255 -5.63 18.03 -4.98
N GLY B 256 -6.24 16.88 -5.29
CA GLY B 256 -5.88 16.10 -6.49
C GLY B 256 -4.65 15.21 -6.31
N THR B 257 -4.01 15.17 -5.13
CA THR B 257 -3.00 14.13 -4.81
C THR B 257 -3.68 12.80 -4.46
N GLU B 258 -3.03 11.70 -4.78
CA GLU B 258 -3.53 10.33 -4.52
C GLU B 258 -3.32 9.95 -3.06
N LEU B 259 -4.22 9.14 -2.55
CA LEU B 259 -4.09 8.50 -1.21
C LEU B 259 -3.96 6.99 -1.44
N PRO B 260 -3.24 6.28 -0.57
CA PRO B 260 -3.18 4.83 -0.65
C PRO B 260 -4.47 4.22 -0.07
N TRP B 261 -5.01 3.18 -0.71
CA TRP B 261 -6.21 2.46 -0.21
C TRP B 261 -5.92 1.84 1.16
N GLN C 14 -3.60 -24.27 28.83
CA GLN C 14 -3.83 -23.32 27.69
C GLN C 14 -5.22 -23.60 27.07
N THR C 15 -6.08 -22.57 27.04
CA THR C 15 -7.48 -22.66 26.53
C THR C 15 -7.61 -21.94 25.19
N TYR C 16 -8.00 -22.70 24.16
CA TYR C 16 -8.37 -22.23 22.80
C TYR C 16 -9.89 -22.07 22.71
N PHE C 17 -10.33 -21.01 22.00
CA PHE C 17 -11.73 -20.85 21.53
C PHE C 17 -11.72 -20.72 20.00
N ILE C 18 -12.53 -21.53 19.31
CA ILE C 18 -12.68 -21.56 17.83
C ILE C 18 -14.18 -21.51 17.53
N SER C 19 -14.62 -20.54 16.74
CA SER C 19 -15.99 -20.43 16.20
C SER C 19 -16.08 -21.25 14.91
N GLY C 20 -17.27 -21.82 14.64
CA GLY C 20 -17.56 -22.63 13.45
C GLY C 20 -16.62 -23.83 13.38
N ALA C 21 -16.64 -24.67 14.42
CA ALA C 21 -15.74 -25.83 14.58
C ALA C 21 -16.43 -27.12 14.14
N ASN C 22 -17.65 -27.01 13.59
CA ASN C 22 -18.50 -28.17 13.24
C ASN C 22 -18.12 -28.72 11.86
N ARG C 23 -17.30 -28.00 11.08
CA ARG C 23 -16.83 -28.44 9.75
C ARG C 23 -15.80 -27.46 9.19
N GLY C 24 -15.22 -27.82 8.03
CA GLY C 24 -14.22 -26.99 7.36
C GLY C 24 -12.94 -26.88 8.16
N ILE C 25 -12.26 -25.75 8.00
CA ILE C 25 -10.94 -25.46 8.63
C ILE C 25 -11.10 -25.50 10.15
N GLY C 26 -12.24 -25.01 10.65
CA GLY C 26 -12.56 -24.94 12.07
C GLY C 26 -12.50 -26.32 12.69
N PHE C 27 -13.13 -27.29 12.03
CA PHE C 27 -13.17 -28.72 12.46
C PHE C 27 -11.75 -29.27 12.50
N SER C 28 -10.99 -29.07 11.42
CA SER C 28 -9.58 -29.52 11.24
C SER C 28 -8.67 -28.96 12.34
N VAL C 29 -8.81 -27.70 12.73
CA VAL C 29 -7.99 -27.06 13.80
C VAL C 29 -8.34 -27.73 15.14
N VAL C 30 -9.63 -27.91 15.42
CA VAL C 30 -10.13 -28.59 16.65
C VAL C 30 -9.60 -30.03 16.71
N GLN C 31 -9.53 -30.75 15.58
CA GLN C 31 -8.90 -32.10 15.46
C GLN C 31 -7.43 -32.06 15.88
N ARG C 32 -6.65 -31.14 15.31
CA ARG C 32 -5.20 -30.94 15.61
C ARG C 32 -4.98 -30.70 17.10
N LEU C 33 -5.87 -29.95 17.76
CA LEU C 33 -5.87 -29.80 19.24
C LEU C 33 -6.30 -31.15 19.88
N ALA C 34 -5.39 -32.13 19.91
CA ALA C 34 -5.54 -33.51 20.43
C ALA C 34 -4.48 -34.41 19.77
N VAL C 39 -3.99 -28.83 26.83
CA VAL C 39 -4.78 -27.87 25.98
C VAL C 39 -6.25 -28.29 25.96
N LYS C 40 -7.16 -27.37 26.32
CA LYS C 40 -8.62 -27.53 26.23
C LYS C 40 -9.22 -26.51 25.25
N VAL C 41 -10.34 -26.89 24.63
CA VAL C 41 -10.89 -26.26 23.39
C VAL C 41 -12.39 -25.99 23.57
N ILE C 42 -12.80 -24.73 23.60
CA ILE C 42 -14.24 -24.35 23.43
C ILE C 42 -14.48 -24.23 21.93
N ALA C 43 -15.31 -25.12 21.38
CA ALA C 43 -15.60 -25.28 19.94
C ALA C 43 -17.07 -25.02 19.70
N THR C 44 -17.41 -23.97 18.95
CA THR C 44 -18.82 -23.55 18.75
C THR C 44 -19.37 -24.15 17.46
N ALA C 45 -20.70 -24.31 17.41
CA ALA C 45 -21.50 -24.66 16.22
C ALA C 45 -22.83 -23.93 16.33
N ARG C 46 -23.44 -23.54 15.21
CA ARG C 46 -24.78 -22.92 15.20
C ARG C 46 -25.77 -23.91 15.81
N ASP C 47 -25.58 -25.20 15.51
CA ASP C 47 -26.54 -26.29 15.83
C ASP C 47 -25.80 -27.47 16.43
N PRO C 48 -25.36 -27.41 17.71
CA PRO C 48 -24.59 -28.50 18.33
C PRO C 48 -25.26 -29.88 18.19
N ALA C 49 -26.59 -29.93 18.40
CA ALA C 49 -27.43 -31.12 18.13
C ALA C 49 -26.88 -31.85 16.89
N SER C 50 -26.79 -31.15 15.75
CA SER C 50 -26.48 -31.71 14.42
C SER C 50 -24.96 -31.84 14.18
N ALA C 51 -24.12 -31.31 15.06
CA ALA C 51 -22.65 -31.28 14.86
C ALA C 51 -22.09 -32.69 15.05
N THR C 52 -22.44 -33.61 14.14
CA THR C 52 -22.16 -35.08 14.24
C THR C 52 -20.65 -35.29 14.42
N ALA C 53 -19.83 -34.78 13.49
CA ALA C 53 -18.34 -34.93 13.48
C ALA C 53 -17.74 -34.34 14.76
N LEU C 54 -18.14 -33.12 15.14
CA LEU C 54 -17.62 -32.40 16.34
C LEU C 54 -18.06 -33.12 17.61
N ASN C 55 -19.30 -33.61 17.68
CA ASN C 55 -19.84 -34.30 18.88
C ASN C 55 -19.00 -35.60 19.10
N GLU C 56 -18.69 -36.33 18.01
CA GLU C 56 -17.82 -37.55 18.04
C GLU C 56 -16.41 -37.22 18.55
N LEU C 57 -15.85 -36.07 18.16
CA LEU C 57 -14.47 -35.65 18.55
C LEU C 57 -14.47 -35.27 20.04
N ALA C 58 -15.52 -34.60 20.52
CA ALA C 58 -15.68 -34.13 21.91
C ALA C 58 -15.87 -35.32 22.87
N LYS C 59 -16.63 -36.34 22.46
CA LYS C 59 -16.80 -37.58 23.27
C LYS C 59 -15.46 -38.31 23.31
N GLU C 60 -14.85 -38.52 22.13
CA GLU C 60 -13.54 -39.22 21.96
C GLU C 60 -12.43 -38.47 22.72
N ASN C 61 -12.42 -37.13 22.69
CA ASN C 61 -11.42 -36.29 23.40
C ASN C 61 -12.16 -35.20 24.16
N PRO C 62 -12.52 -35.44 25.44
CA PRO C 62 -13.40 -34.54 26.18
C PRO C 62 -12.72 -33.28 26.73
N GLN C 63 -11.47 -33.01 26.35
CA GLN C 63 -10.84 -31.67 26.44
C GLN C 63 -11.59 -30.70 25.52
N VAL C 64 -12.25 -31.23 24.48
CA VAL C 64 -13.08 -30.44 23.52
C VAL C 64 -14.49 -30.27 24.12
N LYS C 65 -14.86 -29.02 24.37
CA LYS C 65 -16.20 -28.59 24.88
C LYS C 65 -17.01 -27.95 23.73
N VAL C 66 -18.23 -28.44 23.48
CA VAL C 66 -19.08 -27.96 22.34
C VAL C 66 -20.10 -26.98 22.92
N VAL C 67 -20.19 -25.80 22.32
CA VAL C 67 -21.05 -24.67 22.79
C VAL C 67 -21.82 -24.11 21.57
N GLN C 68 -23.05 -23.64 21.79
CA GLN C 68 -23.88 -23.07 20.70
C GLN C 68 -23.35 -21.66 20.40
N LEU C 69 -23.31 -21.29 19.12
CA LEU C 69 -23.02 -19.92 18.65
C LEU C 69 -23.41 -19.77 17.19
N ASP C 70 -24.24 -18.75 16.95
CA ASP C 70 -24.62 -18.20 15.61
C ASP C 70 -24.08 -16.75 15.59
N ILE C 71 -23.00 -16.47 14.88
CA ILE C 71 -22.33 -15.11 14.87
C ILE C 71 -23.22 -14.09 14.17
N SER C 72 -24.27 -14.53 13.46
CA SER C 72 -25.28 -13.65 12.83
C SER C 72 -26.32 -13.25 13.88
N ASP C 73 -26.38 -13.97 15.00
CA ASP C 73 -27.53 -13.83 15.95
C ASP C 73 -27.03 -13.18 17.25
N GLU C 74 -27.45 -11.94 17.46
CA GLU C 74 -27.03 -11.09 18.59
C GLU C 74 -27.46 -11.74 19.93
N GLU C 75 -28.60 -12.43 19.97
CA GLU C 75 -29.07 -13.15 21.17
C GLU C 75 -28.12 -14.33 21.45
N SER C 76 -27.59 -14.99 20.41
CA SER C 76 -26.58 -16.06 20.54
C SER C 76 -25.31 -15.46 21.18
N ILE C 77 -24.91 -14.27 20.70
CA ILE C 77 -23.64 -13.60 21.11
C ILE C 77 -23.78 -13.12 22.56
N LYS C 78 -24.95 -12.62 22.95
CA LYS C 78 -25.24 -12.13 24.33
C LYS C 78 -25.13 -13.29 25.34
N LYS C 79 -25.01 -14.55 24.89
CA LYS C 79 -24.89 -15.74 25.78
C LYS C 79 -23.51 -16.44 25.70
N ILE C 80 -22.60 -16.03 24.81
CA ILE C 80 -21.36 -16.83 24.57
C ILE C 80 -20.42 -16.73 25.79
N ALA C 81 -20.37 -15.58 26.47
CA ALA C 81 -19.51 -15.36 27.66
C ALA C 81 -19.90 -16.34 28.79
N LYS C 82 -21.18 -16.41 29.15
CA LYS C 82 -21.71 -17.37 30.17
C LYS C 82 -21.52 -18.82 29.69
N ASN C 83 -21.72 -19.11 28.40
CA ASN C 83 -21.59 -20.48 27.83
C ASN C 83 -20.12 -20.95 27.92
N VAL C 84 -19.15 -20.08 27.61
CA VAL C 84 -17.69 -20.39 27.69
C VAL C 84 -17.31 -20.50 29.18
N SER C 85 -17.83 -19.58 30.01
CA SER C 85 -17.57 -19.44 31.47
C SER C 85 -17.78 -20.76 32.21
N GLN C 86 -18.66 -21.63 31.71
CA GLN C 86 -18.96 -22.97 32.32
C GLN C 86 -17.71 -23.84 32.34
N TYR C 87 -16.87 -23.76 31.30
CA TYR C 87 -15.76 -24.71 31.05
C TYR C 87 -14.39 -24.06 31.26
N THR C 88 -14.31 -22.74 31.44
CA THR C 88 -12.99 -22.08 31.60
C THR C 88 -13.15 -20.72 32.32
N ASP C 89 -12.11 -20.36 33.08
CA ASP C 89 -11.88 -19.04 33.72
C ASP C 89 -11.13 -18.10 32.75
N SER C 90 -10.59 -18.60 31.62
CA SER C 90 -9.89 -17.73 30.64
C SER C 90 -9.74 -18.38 29.25
N ILE C 91 -9.32 -17.56 28.28
CA ILE C 91 -9.00 -18.01 26.89
C ILE C 91 -7.60 -17.53 26.55
N ASP C 92 -6.74 -18.45 26.13
CA ASP C 92 -5.33 -18.11 25.82
C ASP C 92 -5.26 -17.63 24.36
N VAL C 93 -6.00 -18.32 23.50
CA VAL C 93 -6.05 -18.05 22.04
C VAL C 93 -7.53 -18.09 21.65
N PHE C 94 -7.99 -16.98 21.08
CA PHE C 94 -9.32 -16.76 20.45
C PHE C 94 -9.13 -16.88 18.94
N VAL C 95 -9.99 -17.66 18.27
CA VAL C 95 -10.02 -17.73 16.79
C VAL C 95 -11.45 -17.48 16.32
N SER C 96 -11.69 -16.31 15.70
CA SER C 96 -12.97 -16.00 15.00
C SER C 96 -12.87 -16.62 13.60
N ASN C 97 -13.37 -17.84 13.46
CA ASN C 97 -13.30 -18.65 12.22
C ASN C 97 -14.66 -18.62 11.52
N ALA C 98 -15.77 -18.80 12.25
CA ALA C 98 -17.11 -18.83 11.63
C ALA C 98 -17.32 -17.54 10.82
N ALA C 99 -17.73 -17.72 9.57
CA ALA C 99 -18.03 -16.64 8.62
C ALA C 99 -18.83 -17.24 7.47
N ILE C 100 -19.30 -16.39 6.56
CA ILE C 100 -19.95 -16.78 5.28
C ILE C 100 -19.18 -16.16 4.10
N ALA C 101 -19.43 -16.69 2.90
CA ALA C 101 -18.85 -16.28 1.59
C ALA C 101 -19.85 -16.62 0.50
N LYS C 102 -20.88 -15.79 0.30
CA LYS C 102 -22.07 -16.15 -0.50
C LYS C 102 -22.23 -15.24 -1.72
N SER C 103 -21.61 -14.07 -1.72
CA SER C 103 -21.86 -12.99 -2.69
C SER C 103 -20.52 -12.55 -3.30
N PHE C 104 -20.39 -12.72 -4.60
CA PHE C 104 -19.23 -12.29 -5.41
C PHE C 104 -19.74 -11.42 -6.56
N GLY C 105 -18.81 -10.94 -7.38
CA GLY C 105 -19.14 -10.25 -8.64
C GLY C 105 -19.63 -8.80 -8.51
N PRO C 106 -20.22 -8.26 -9.59
CA PRO C 106 -20.49 -6.82 -9.72
C PRO C 106 -21.38 -6.19 -8.65
N LEU C 107 -21.10 -4.94 -8.35
CA LEU C 107 -21.83 -4.11 -7.37
C LEU C 107 -23.27 -3.90 -7.86
N LEU C 108 -23.47 -3.61 -9.15
CA LEU C 108 -24.83 -3.35 -9.70
C LEU C 108 -25.73 -4.58 -9.56
N ASN C 109 -25.15 -5.76 -9.39
CA ASN C 109 -25.88 -7.06 -9.39
C ASN C 109 -25.91 -7.63 -7.96
N THR C 110 -25.41 -6.88 -6.95
CA THR C 110 -25.41 -7.33 -5.54
C THR C 110 -26.58 -6.65 -4.84
N PRO C 111 -27.65 -7.38 -4.49
CA PRO C 111 -28.80 -6.78 -3.83
C PRO C 111 -28.49 -6.46 -2.37
N ARG C 112 -29.37 -5.66 -1.78
CA ARG C 112 -29.26 -5.12 -0.41
C ARG C 112 -29.05 -6.25 0.62
N GLU C 113 -29.80 -7.35 0.50
CA GLU C 113 -29.79 -8.49 1.45
C GLU C 113 -28.36 -9.04 1.59
N GLN C 114 -27.62 -9.13 0.47
CA GLN C 114 -26.28 -9.76 0.45
C GLN C 114 -25.32 -8.82 1.19
N TRP C 115 -25.42 -7.50 0.97
CA TRP C 115 -24.52 -6.51 1.64
C TRP C 115 -24.75 -6.60 3.15
N ILE C 116 -26.04 -6.56 3.53
CA ILE C 116 -26.51 -6.63 4.94
C ILE C 116 -25.99 -7.93 5.55
N GLU C 117 -26.24 -9.08 4.93
CA GLU C 117 -25.89 -10.40 5.54
C GLU C 117 -24.38 -10.50 5.83
N HIS C 118 -23.53 -10.10 4.88
CA HIS C 118 -22.06 -10.19 5.05
C HIS C 118 -21.63 -9.21 6.13
N PHE C 119 -22.22 -8.02 6.20
CA PHE C 119 -21.87 -7.06 7.28
C PHE C 119 -22.23 -7.67 8.66
N PHE C 120 -23.46 -8.18 8.84
CA PHE C 120 -23.93 -8.71 10.15
C PHE C 120 -23.15 -9.96 10.56
N THR C 121 -22.89 -10.87 9.62
CA THR C 121 -22.26 -12.17 9.91
C THR C 121 -20.72 -12.01 9.96
N ASN C 122 -20.13 -11.25 9.04
CA ASN C 122 -18.66 -11.24 8.83
C ASN C 122 -17.99 -10.05 9.53
N VAL C 123 -18.73 -8.98 9.82
CA VAL C 123 -18.12 -7.77 10.45
C VAL C 123 -18.63 -7.62 11.88
N LEU C 124 -19.94 -7.43 12.06
CA LEU C 124 -20.55 -7.17 13.39
C LEU C 124 -20.42 -8.41 14.28
N GLY C 125 -20.70 -9.61 13.73
CA GLY C 125 -20.61 -10.85 14.53
C GLY C 125 -19.28 -10.91 15.30
N PRO C 126 -18.13 -10.98 14.59
CA PRO C 126 -16.81 -11.09 15.22
C PRO C 126 -16.47 -9.94 16.15
N ILE C 127 -16.90 -8.71 15.83
CA ILE C 127 -16.64 -7.55 16.71
C ILE C 127 -17.35 -7.80 18.05
N ARG C 128 -18.64 -8.14 18.00
CA ARG C 128 -19.49 -8.42 19.19
C ARG C 128 -18.97 -9.66 19.91
N LEU C 129 -18.62 -10.74 19.18
CA LEU C 129 -17.99 -11.96 19.79
C LEU C 129 -16.74 -11.55 20.59
N PHE C 130 -15.79 -10.82 19.98
CA PHE C 130 -14.56 -10.34 20.67
C PHE C 130 -14.94 -9.49 21.89
N GLN C 131 -15.91 -8.58 21.75
CA GLN C 131 -16.35 -7.71 22.88
C GLN C 131 -16.82 -8.59 24.05
N GLU C 132 -17.51 -9.69 23.75
CA GLU C 132 -18.13 -10.55 24.78
C GLU C 132 -17.06 -11.39 25.51
N LEU C 133 -15.99 -11.80 24.83
CA LEU C 133 -15.00 -12.79 25.33
C LEU C 133 -13.69 -12.08 25.74
N TYR C 134 -13.60 -10.76 25.53
CA TYR C 134 -12.41 -9.95 25.89
C TYR C 134 -12.01 -10.16 27.35
N PRO C 135 -12.95 -10.09 28.32
CA PRO C 135 -12.60 -10.30 29.73
C PRO C 135 -12.03 -11.69 29.98
N LEU C 136 -12.60 -12.75 29.40
CA LEU C 136 -12.04 -14.12 29.53
C LEU C 136 -10.64 -14.18 28.90
N ILE C 137 -10.43 -13.45 27.79
CA ILE C 137 -9.08 -13.42 27.11
C ILE C 137 -8.10 -12.63 27.96
N LYS C 138 -8.56 -11.56 28.60
CA LYS C 138 -7.70 -10.68 29.44
C LYS C 138 -7.12 -11.53 30.59
N LYS C 139 -7.89 -12.49 31.11
CA LYS C 139 -7.51 -13.35 32.26
C LYS C 139 -6.57 -14.49 31.80
N GLY C 140 -6.42 -14.73 30.50
CA GLY C 140 -5.50 -15.74 29.96
C GLY C 140 -4.06 -15.25 29.95
N THR C 141 -3.12 -16.13 29.58
CA THR C 141 -1.66 -15.84 29.53
C THR C 141 -1.26 -15.33 28.13
N GLN C 142 -1.55 -16.13 27.10
CA GLN C 142 -1.05 -15.93 25.71
C GLN C 142 -1.66 -14.66 25.10
N LYS C 143 -2.92 -14.32 25.42
CA LYS C 143 -3.65 -13.13 24.91
C LYS C 143 -3.54 -13.05 23.37
N LYS C 144 -3.77 -14.16 22.66
CA LYS C 144 -3.69 -14.22 21.17
C LYS C 144 -5.10 -14.16 20.57
N VAL C 145 -5.28 -13.30 19.56
CA VAL C 145 -6.60 -12.95 18.93
C VAL C 145 -6.46 -13.08 17.40
N PHE C 146 -7.15 -14.07 16.84
CA PHE C 146 -7.10 -14.39 15.39
C PHE C 146 -8.52 -14.23 14.84
N PHE C 147 -8.64 -13.30 13.90
CA PHE C 147 -9.78 -13.22 12.95
C PHE C 147 -9.34 -13.92 11.67
N ILE C 148 -10.06 -14.97 11.30
CA ILE C 148 -9.86 -15.66 10.00
C ILE C 148 -10.43 -14.69 8.96
N SER C 149 -9.53 -14.10 8.18
CA SER C 149 -9.84 -13.11 7.13
C SER C 149 -9.72 -13.82 5.78
N SER C 150 -9.48 -13.06 4.73
CA SER C 150 -9.22 -13.55 3.36
C SER C 150 -8.23 -12.57 2.75
N ASN C 151 -7.31 -13.04 1.90
CA ASN C 151 -6.49 -12.17 1.05
C ASN C 151 -7.42 -11.33 0.14
N ALA C 152 -8.66 -11.78 -0.13
CA ALA C 152 -9.66 -11.03 -0.94
C ALA C 152 -9.99 -9.68 -0.31
N GLY C 153 -9.82 -9.57 1.02
CA GLY C 153 -10.15 -8.39 1.84
C GLY C 153 -9.11 -7.27 1.74
N SER C 154 -7.95 -7.56 1.13
CA SER C 154 -6.87 -6.56 0.97
C SER C 154 -7.39 -5.44 0.08
N LEU C 155 -7.02 -4.20 0.43
CA LEU C 155 -7.26 -3.06 -0.48
C LEU C 155 -6.14 -2.87 -1.49
N ASN C 156 -5.17 -3.79 -1.55
CA ASN C 156 -3.92 -3.63 -2.34
C ASN C 156 -3.55 -4.92 -3.07
N LEU C 157 -4.49 -5.85 -3.27
CA LEU C 157 -4.26 -7.07 -4.08
C LEU C 157 -5.33 -7.14 -5.16
N ASP C 158 -4.94 -7.53 -6.38
CA ASP C 158 -5.87 -7.70 -7.52
C ASP C 158 -5.79 -9.17 -7.98
N PHE C 159 -6.89 -9.93 -7.84
CA PHE C 159 -6.94 -11.38 -8.15
C PHE C 159 -7.56 -11.58 -9.53
N GLY C 160 -7.84 -10.48 -10.21
CA GLY C 160 -8.67 -10.46 -11.43
C GLY C 160 -10.08 -10.99 -11.18
N LEU C 161 -10.58 -10.83 -9.95
CA LEU C 161 -11.96 -11.20 -9.52
C LEU C 161 -12.56 -10.06 -8.69
N ASP C 162 -13.87 -9.89 -8.71
CA ASP C 162 -14.62 -9.04 -7.73
C ASP C 162 -15.21 -9.94 -6.64
N PHE C 163 -15.18 -9.44 -5.40
CA PHE C 163 -15.58 -10.19 -4.18
C PHE C 163 -16.81 -9.55 -3.52
N SER C 164 -17.37 -8.49 -4.12
CA SER C 164 -18.71 -7.98 -3.72
C SER C 164 -18.76 -7.87 -2.19
N ALA C 165 -19.85 -8.35 -1.58
CA ALA C 165 -20.15 -8.19 -0.14
C ALA C 165 -19.16 -9.01 0.67
N PHE C 166 -18.74 -10.16 0.14
CA PHE C 166 -17.75 -11.02 0.83
C PHE C 166 -16.47 -10.21 1.08
N GLY C 167 -15.89 -9.72 0.01
CA GLY C 167 -14.61 -8.97 0.07
C GLY C 167 -14.74 -7.69 0.90
N GLN C 168 -15.85 -6.97 0.76
CA GLN C 168 -16.11 -5.74 1.53
C GLN C 168 -16.10 -6.07 3.02
N SER C 169 -16.77 -7.15 3.42
CA SER C 169 -16.92 -7.59 4.82
C SER C 169 -15.52 -7.94 5.38
N LYS C 170 -14.66 -8.54 4.55
CA LYS C 170 -13.32 -8.96 5.01
C LYS C 170 -12.46 -7.71 5.20
N ALA C 171 -12.58 -6.73 4.32
CA ALA C 171 -11.88 -5.43 4.38
C ALA C 171 -12.35 -4.66 5.60
N ALA C 172 -13.67 -4.58 5.82
CA ALA C 172 -14.24 -3.91 7.02
C ALA C 172 -13.66 -4.55 8.28
N LEU C 173 -13.69 -5.87 8.43
CA LEU C 173 -13.18 -6.53 9.67
C LEU C 173 -11.66 -6.33 9.80
N ASN C 174 -10.94 -6.40 8.69
CA ASN C 174 -9.48 -6.09 8.68
C ASN C 174 -9.25 -4.68 9.25
N TYR C 175 -10.04 -3.67 8.84
CA TYR C 175 -9.80 -2.27 9.26
C TYR C 175 -9.91 -2.21 10.79
N SER C 176 -10.93 -2.86 11.33
CA SER C 176 -11.22 -2.89 12.79
C SER C 176 -10.19 -3.77 13.50
N THR C 177 -9.71 -4.83 12.86
CA THR C 177 -8.66 -5.71 13.43
C THR C 177 -7.39 -4.90 13.63
N LYS C 178 -7.00 -4.12 12.61
CA LYS C 178 -5.82 -3.22 12.65
C LYS C 178 -5.96 -2.25 13.83
N GLU C 179 -7.11 -1.57 13.97
CA GLU C 179 -7.40 -0.68 15.12
C GLU C 179 -7.31 -1.46 16.45
N LEU C 180 -7.88 -2.66 16.52
CA LEU C 180 -7.92 -3.44 17.78
C LEU C 180 -6.49 -3.76 18.24
N ALA C 181 -5.62 -4.19 17.31
CA ALA C 181 -4.19 -4.50 17.55
C ALA C 181 -3.47 -3.29 18.18
N ARG C 182 -3.60 -2.10 17.59
CA ARG C 182 -3.10 -0.82 18.17
C ARG C 182 -3.66 -0.65 19.57
N GLN C 183 -4.99 -0.75 19.73
CA GLN C 183 -5.67 -0.42 21.01
C GLN C 183 -5.18 -1.35 22.13
N LEU C 184 -4.86 -2.61 21.85
CA LEU C 184 -4.63 -3.65 22.89
C LEU C 184 -3.13 -3.92 23.06
N LYS C 185 -2.28 -3.22 22.31
CA LYS C 185 -0.80 -3.41 22.33
C LYS C 185 -0.27 -3.15 23.74
N PRO C 186 -0.71 -2.06 24.41
CA PRO C 186 -0.33 -1.81 25.81
C PRO C 186 -0.70 -2.94 26.80
N GLU C 187 -1.73 -3.75 26.50
CA GLU C 187 -2.15 -4.89 27.35
C GLU C 187 -1.47 -6.18 26.91
N ASN C 188 -0.51 -6.08 25.98
CA ASN C 188 0.32 -7.20 25.50
C ASN C 188 -0.54 -8.24 24.76
N PHE C 189 -1.65 -7.83 24.14
CA PHE C 189 -2.42 -8.68 23.19
C PHE C 189 -1.65 -8.81 21.86
N ILE C 190 -1.73 -10.01 21.30
CA ILE C 190 -1.32 -10.28 19.90
C ILE C 190 -2.59 -10.48 19.07
N VAL C 191 -2.89 -9.52 18.18
CA VAL C 191 -4.07 -9.54 17.30
C VAL C 191 -3.58 -9.70 15.87
N ALA C 192 -4.15 -10.63 15.11
CA ALA C 192 -3.83 -10.80 13.68
C ALA C 192 -5.08 -11.10 12.87
N ALA C 193 -5.09 -10.60 11.63
CA ALA C 193 -5.96 -11.01 10.50
C ALA C 193 -5.21 -12.09 9.72
N VAL C 194 -5.80 -13.26 9.50
CA VAL C 194 -5.10 -14.44 8.91
C VAL C 194 -5.89 -14.99 7.73
N HIS C 195 -5.29 -15.02 6.53
CA HIS C 195 -5.84 -15.69 5.32
C HIS C 195 -5.56 -17.19 5.43
N PRO C 196 -6.60 -18.06 5.55
CA PRO C 196 -6.39 -19.48 5.83
C PRO C 196 -6.02 -20.31 4.60
N GLY C 197 -5.88 -19.65 3.44
CA GLY C 197 -5.78 -20.29 2.11
C GLY C 197 -7.16 -20.53 1.52
N VAL C 198 -7.23 -21.00 0.27
CA VAL C 198 -8.48 -21.44 -0.42
C VAL C 198 -8.57 -22.97 -0.31
N VAL C 199 -9.62 -23.50 0.32
CA VAL C 199 -9.80 -24.98 0.53
C VAL C 199 -11.00 -25.45 -0.30
N PRO C 225 -4.91 -18.07 -10.66
CA PRO C 225 -5.90 -18.69 -9.76
C PRO C 225 -5.21 -19.39 -8.58
N GLU C 226 -5.45 -18.91 -7.35
CA GLU C 226 -4.73 -19.33 -6.11
C GLU C 226 -4.96 -20.83 -5.87
N THR C 227 -3.88 -21.61 -5.75
CA THR C 227 -3.90 -23.09 -5.52
C THR C 227 -4.79 -23.40 -4.31
N LYS C 228 -5.57 -24.47 -4.38
CA LYS C 228 -6.39 -24.93 -3.23
C LYS C 228 -5.53 -25.80 -2.32
N ILE C 229 -5.89 -25.86 -1.05
CA ILE C 229 -5.27 -26.80 -0.07
C ILE C 229 -6.41 -27.46 0.70
N THR C 230 -6.15 -28.60 1.32
CA THR C 230 -7.13 -29.34 2.15
C THR C 230 -7.29 -28.57 3.45
N PRO C 231 -8.47 -28.71 4.11
CA PRO C 231 -8.67 -28.16 5.45
C PRO C 231 -7.57 -28.54 6.45
N GLU C 232 -6.95 -29.72 6.27
CA GLU C 232 -6.00 -30.31 7.25
C GLU C 232 -4.63 -29.62 7.13
N GLU C 233 -4.20 -29.31 5.89
CA GLU C 233 -2.98 -28.50 5.59
C GLU C 233 -3.19 -27.05 6.06
N SER C 234 -4.38 -26.48 5.82
CA SER C 234 -4.75 -25.13 6.33
C SER C 234 -4.67 -25.14 7.87
N ALA C 235 -5.37 -26.09 8.50
CA ALA C 235 -5.36 -26.33 9.97
C ALA C 235 -3.92 -26.41 10.47
N ALA C 236 -3.09 -27.26 9.85
CA ALA C 236 -1.68 -27.49 10.22
C ALA C 236 -0.89 -26.18 10.18
N ALA C 237 -0.96 -25.45 9.05
CA ALA C 237 -0.22 -24.18 8.86
C ALA C 237 -0.75 -23.14 9.86
N LEU C 238 -2.07 -23.05 10.05
CA LEU C 238 -2.69 -22.07 10.98
C LEU C 238 -2.22 -22.34 12.42
N CYS C 239 -2.29 -23.60 12.88
CA CYS C 239 -1.84 -24.02 14.24
C CYS C 239 -0.38 -23.58 14.45
N LYS C 240 0.50 -23.87 13.49
CA LYS C 240 1.92 -23.39 13.46
C LYS C 240 1.93 -21.88 13.74
N LEU C 241 1.18 -21.13 12.93
CA LEU C 241 1.04 -19.65 12.99
C LEU C 241 0.57 -19.23 14.40
N PHE C 242 -0.48 -19.86 14.91
CA PHE C 242 -1.09 -19.46 16.20
C PHE C 242 -0.02 -19.55 17.29
N GLU C 243 0.81 -20.60 17.26
CA GLU C 243 1.83 -20.83 18.33
C GLU C 243 3.06 -19.91 18.11
N SER C 244 3.51 -19.66 16.88
CA SER C 244 4.80 -18.93 16.65
C SER C 244 4.62 -17.40 16.73
N LEU C 245 3.44 -16.86 16.40
CA LEU C 245 3.27 -15.39 16.20
C LEU C 245 3.51 -14.67 17.53
N ASN C 246 4.43 -13.69 17.53
CA ASN C 246 4.87 -13.02 18.79
C ASN C 246 4.75 -11.49 18.68
N THR C 247 4.16 -10.97 17.59
CA THR C 247 3.99 -9.50 17.39
C THR C 247 2.56 -9.24 16.92
N THR C 248 2.02 -8.10 17.32
CA THR C 248 0.62 -7.73 17.07
C THR C 248 0.51 -6.96 15.75
N GLY C 249 -0.72 -6.80 15.25
CA GLY C 249 -1.06 -5.89 14.12
C GLY C 249 -0.70 -6.45 12.76
N LYS C 250 -0.47 -7.76 12.64
CA LYS C 250 -0.08 -8.45 11.37
C LYS C 250 -1.32 -8.87 10.59
N TYR C 251 -1.23 -8.82 9.27
CA TYR C 251 -2.14 -9.46 8.29
C TYR C 251 -1.34 -10.56 7.61
N LEU C 252 -1.63 -11.83 7.87
CA LEU C 252 -0.71 -12.94 7.50
C LEU C 252 -1.48 -13.93 6.63
N SER C 253 -0.81 -14.48 5.62
CA SER C 253 -1.24 -15.72 4.94
C SER C 253 -0.97 -16.91 5.86
N TYR C 254 -1.62 -18.05 5.61
CA TYR C 254 -1.48 -19.30 6.40
C TYR C 254 -0.01 -19.75 6.45
N ASP C 255 0.74 -19.51 5.37
CA ASP C 255 2.16 -19.94 5.20
C ASP C 255 3.09 -19.02 5.99
N GLY C 256 2.57 -17.98 6.64
CA GLY C 256 3.36 -17.16 7.57
C GLY C 256 3.81 -15.84 6.98
N THR C 257 3.74 -15.66 5.66
CA THR C 257 4.13 -14.41 4.96
C THR C 257 3.07 -13.32 5.17
N GLU C 258 3.49 -12.07 5.11
CA GLU C 258 2.59 -10.93 5.39
C GLU C 258 1.79 -10.59 4.13
N LEU C 259 0.60 -10.05 4.33
CA LEU C 259 -0.22 -9.50 3.23
C LEU C 259 -0.32 -8.01 3.45
N PRO C 260 -0.40 -7.20 2.36
CA PRO C 260 -0.71 -5.78 2.48
C PRO C 260 -2.18 -5.56 2.87
N TRP C 261 -2.48 -4.64 3.80
CA TRP C 261 -3.87 -4.34 4.24
C TRP C 261 -4.71 -3.79 3.06
N GLN D 14 25.13 2.72 28.11
CA GLN D 14 24.52 2.52 26.76
C GLN D 14 25.24 3.39 25.71
N THR D 15 25.87 2.74 24.72
CA THR D 15 26.59 3.42 23.61
C THR D 15 25.60 3.65 22.47
N TYR D 16 25.44 4.93 22.10
CA TYR D 16 24.76 5.38 20.86
C TYR D 16 25.82 5.68 19.80
N PHE D 17 25.59 5.32 18.53
CA PHE D 17 26.39 5.78 17.35
C PHE D 17 25.53 6.62 16.40
N ILE D 18 25.98 7.81 16.02
CA ILE D 18 25.24 8.79 15.17
C ILE D 18 26.19 9.22 14.04
N SER D 19 25.81 9.00 12.78
CA SER D 19 26.55 9.56 11.60
C SER D 19 26.06 10.99 11.33
N GLY D 20 26.93 11.88 10.85
CA GLY D 20 26.52 13.25 10.51
C GLY D 20 26.08 14.03 11.75
N ALA D 21 26.92 14.03 12.79
CA ALA D 21 26.63 14.66 14.10
C ALA D 21 27.07 16.14 14.15
N ASN D 22 27.67 16.65 13.06
CA ASN D 22 28.39 17.96 13.06
C ASN D 22 27.39 19.11 13.00
N ARG D 23 26.27 18.93 12.30
CA ARG D 23 25.19 19.95 12.20
C ARG D 23 23.84 19.26 11.97
N GLY D 24 22.75 20.04 12.02
CA GLY D 24 21.38 19.60 11.72
C GLY D 24 20.76 18.79 12.84
N ILE D 25 19.85 17.87 12.50
CA ILE D 25 19.21 16.91 13.44
C ILE D 25 20.28 16.09 14.17
N GLY D 26 21.33 15.63 13.47
CA GLY D 26 22.40 14.78 14.04
C GLY D 26 23.04 15.43 15.26
N PHE D 27 23.45 16.70 15.11
CA PHE D 27 23.99 17.56 16.18
C PHE D 27 22.97 17.65 17.34
N SER D 28 21.71 17.98 17.02
CA SER D 28 20.62 18.12 18.02
C SER D 28 20.42 16.81 18.80
N VAL D 29 20.53 15.65 18.16
CA VAL D 29 20.40 14.32 18.83
C VAL D 29 21.57 14.15 19.81
N VAL D 30 22.81 14.47 19.40
CA VAL D 30 24.02 14.30 20.25
C VAL D 30 23.95 15.27 21.45
N GLN D 31 23.58 16.54 21.20
CA GLN D 31 23.30 17.59 22.21
C GLN D 31 22.45 17.03 23.35
N ARG D 32 21.38 16.32 22.98
CA ARG D 32 20.36 15.75 23.88
C ARG D 32 20.95 14.57 24.67
N LEU D 33 21.73 13.69 24.02
CA LEU D 33 22.35 12.50 24.68
C LEU D 33 23.42 12.91 25.68
N ALA D 34 24.16 13.99 25.40
CA ALA D 34 25.29 14.50 26.21
C ALA D 34 24.79 15.03 27.56
N ALA D 35 23.49 15.29 27.67
CA ALA D 35 22.80 15.75 28.90
C ALA D 35 22.29 14.54 29.69
N LYS D 36 22.22 13.36 29.05
CA LYS D 36 21.71 12.08 29.63
C LYS D 36 22.87 11.29 30.25
N SER D 37 22.83 11.03 31.57
CA SER D 37 23.86 10.28 32.32
C SER D 37 23.85 8.83 31.84
N GLY D 38 25.03 8.19 31.82
CA GLY D 38 25.23 6.79 31.37
C GLY D 38 25.07 6.64 29.88
N VAL D 39 25.41 7.69 29.10
CA VAL D 39 25.34 7.69 27.62
C VAL D 39 26.72 7.99 27.04
N LYS D 40 27.36 6.99 26.44
CA LYS D 40 28.50 7.19 25.50
C LYS D 40 27.94 7.44 24.09
N VAL D 41 28.49 8.41 23.39
CA VAL D 41 28.05 8.83 22.03
C VAL D 41 29.26 8.82 21.11
N ILE D 42 29.29 7.91 20.13
CA ILE D 42 30.19 8.00 18.95
C ILE D 42 29.45 8.86 17.91
N ALA D 43 29.96 10.08 17.65
CA ALA D 43 29.43 11.09 16.70
C ALA D 43 30.40 11.23 15.53
N THR D 44 29.91 11.20 14.28
CA THR D 44 30.77 11.29 13.07
C THR D 44 30.60 12.65 12.41
N ALA D 45 31.64 13.07 11.72
CA ALA D 45 31.68 14.22 10.81
C ALA D 45 32.61 13.85 9.65
N ARG D 46 32.31 14.33 8.44
CA ARG D 46 33.20 14.15 7.28
C ARG D 46 34.57 14.73 7.63
N ASP D 47 34.58 15.85 8.37
CA ASP D 47 35.77 16.71 8.59
C ASP D 47 35.73 17.16 10.04
N PRO D 48 36.16 16.30 10.99
CA PRO D 48 36.05 16.60 12.42
C PRO D 48 36.73 17.92 12.86
N ALA D 49 37.88 18.26 12.26
CA ALA D 49 38.67 19.46 12.63
C ALA D 49 37.94 20.75 12.20
N SER D 50 36.91 20.67 11.36
CA SER D 50 36.04 21.81 10.96
C SER D 50 34.72 21.78 11.73
N ALA D 51 34.48 20.73 12.52
CA ALA D 51 33.21 20.47 13.23
C ALA D 51 33.20 21.23 14.55
N THR D 52 33.28 22.56 14.48
CA THR D 52 33.50 23.46 15.63
C THR D 52 32.47 23.18 16.74
N ALA D 53 31.16 23.29 16.44
CA ALA D 53 30.07 23.06 17.43
C ALA D 53 30.22 21.69 18.11
N LEU D 54 30.57 20.66 17.33
CA LEU D 54 30.56 19.26 17.83
C LEU D 54 31.81 19.01 18.66
N ASN D 55 32.95 19.56 18.22
CA ASN D 55 34.26 19.45 18.95
C ASN D 55 34.09 20.16 20.31
N GLU D 56 33.45 21.33 20.33
CA GLU D 56 33.08 22.05 21.59
C GLU D 56 32.17 21.17 22.44
N LEU D 57 31.16 20.54 21.83
CA LEU D 57 30.20 19.65 22.55
C LEU D 57 30.98 18.56 23.29
N ALA D 58 31.92 17.90 22.60
CA ALA D 58 32.75 16.76 23.08
C ALA D 58 33.73 17.21 24.17
N LYS D 59 34.28 18.43 24.10
CA LYS D 59 35.18 18.99 25.14
C LYS D 59 34.37 19.23 26.43
N GLU D 60 33.21 19.88 26.34
CA GLU D 60 32.35 20.16 27.54
C GLU D 60 31.69 18.86 28.02
N ASN D 61 31.62 17.81 27.18
CA ASN D 61 31.00 16.49 27.53
C ASN D 61 31.85 15.38 26.93
N PRO D 62 32.91 14.91 27.62
CA PRO D 62 33.89 14.00 27.03
C PRO D 62 33.37 12.59 26.74
N GLN D 63 32.15 12.27 27.19
CA GLN D 63 31.41 11.03 26.80
C GLN D 63 31.12 11.05 25.29
N VAL D 64 31.09 12.23 24.66
CA VAL D 64 30.91 12.44 23.19
C VAL D 64 32.26 12.22 22.48
N LYS D 65 32.38 11.14 21.72
CA LYS D 65 33.61 10.82 20.94
C LYS D 65 33.40 11.19 19.46
N VAL D 66 34.27 12.04 18.93
CA VAL D 66 34.15 12.58 17.55
C VAL D 66 35.08 11.78 16.63
N VAL D 67 34.51 11.23 15.57
CA VAL D 67 35.17 10.26 14.66
C VAL D 67 34.92 10.78 13.23
N GLN D 68 35.81 10.43 12.31
CA GLN D 68 35.67 10.80 10.88
C GLN D 68 34.79 9.74 10.21
N LEU D 69 33.82 10.18 9.41
CA LEU D 69 33.04 9.32 8.47
C LEU D 69 32.51 10.20 7.32
N ASP D 70 32.81 9.81 6.09
CA ASP D 70 32.15 10.26 4.84
C ASP D 70 31.42 9.03 4.30
N ILE D 71 30.08 8.97 4.35
CA ILE D 71 29.36 7.71 3.96
C ILE D 71 29.43 7.51 2.43
N SER D 72 29.87 8.51 1.66
CA SER D 72 30.04 8.42 0.19
C SER D 72 31.40 7.81 -0.15
N ASP D 73 32.24 7.56 0.85
CA ASP D 73 33.68 7.25 0.66
C ASP D 73 33.95 5.88 1.26
N GLU D 74 34.07 4.87 0.40
CA GLU D 74 34.28 3.45 0.80
C GLU D 74 35.54 3.32 1.68
N GLU D 75 36.62 4.07 1.38
CA GLU D 75 37.90 4.07 2.17
C GLU D 75 37.62 4.55 3.60
N SER D 76 36.75 5.56 3.76
CA SER D 76 36.32 6.07 5.10
C SER D 76 35.48 5.02 5.85
N ILE D 77 34.54 4.35 5.16
CA ILE D 77 33.66 3.29 5.75
C ILE D 77 34.50 2.08 6.17
N LYS D 78 35.54 1.74 5.39
CA LYS D 78 36.52 0.66 5.67
C LYS D 78 37.25 0.92 7.00
N LYS D 79 37.30 2.17 7.48
CA LYS D 79 37.99 2.53 8.75
C LYS D 79 37.01 2.69 9.92
N ILE D 80 35.68 2.70 9.70
CA ILE D 80 34.71 3.14 10.78
C ILE D 80 34.70 2.12 11.93
N ALA D 81 34.82 0.81 11.65
CA ALA D 81 34.73 -0.19 12.74
C ALA D 81 35.89 0.02 13.73
N LYS D 82 37.11 0.21 13.24
CA LYS D 82 38.30 0.45 14.12
C LYS D 82 38.20 1.84 14.77
N ASN D 83 37.80 2.88 14.05
CA ASN D 83 37.59 4.25 14.60
C ASN D 83 36.58 4.21 15.75
N VAL D 84 35.50 3.44 15.62
CA VAL D 84 34.49 3.25 16.72
C VAL D 84 35.13 2.37 17.81
N SER D 85 35.86 1.32 17.41
CA SER D 85 36.48 0.30 18.30
C SER D 85 37.44 0.94 19.31
N GLN D 86 38.01 2.12 19.00
CA GLN D 86 38.91 2.90 19.91
C GLN D 86 38.17 3.24 21.21
N TYR D 87 36.85 3.46 21.19
CA TYR D 87 36.07 4.10 22.27
C TYR D 87 35.03 3.16 22.90
N THR D 88 34.74 2.01 22.30
CA THR D 88 33.67 1.09 22.81
C THR D 88 33.89 -0.32 22.28
N ASP D 89 33.37 -1.30 23.02
CA ASP D 89 33.30 -2.75 22.68
C ASP D 89 31.93 -3.09 22.07
N SER D 90 31.00 -2.12 22.03
CA SER D 90 29.60 -2.38 21.58
C SER D 90 28.82 -1.08 21.21
N ILE D 91 27.77 -1.26 20.42
CA ILE D 91 26.79 -0.18 20.08
C ILE D 91 25.40 -0.69 20.49
N ASP D 92 24.66 0.12 21.25
CA ASP D 92 23.27 -0.19 21.68
C ASP D 92 22.31 0.33 20.62
N VAL D 93 22.51 1.57 20.22
CA VAL D 93 21.59 2.28 19.27
C VAL D 93 22.46 2.88 18.17
N PHE D 94 22.30 2.33 16.96
CA PHE D 94 22.94 2.75 15.70
C PHE D 94 21.97 3.69 14.98
N VAL D 95 22.44 4.85 14.56
CA VAL D 95 21.60 5.81 13.80
C VAL D 95 22.37 6.22 12.55
N SER D 96 21.96 5.69 11.40
CA SER D 96 22.37 6.18 10.05
C SER D 96 21.62 7.47 9.77
N ASN D 97 22.24 8.61 10.09
CA ASN D 97 21.63 9.95 9.89
C ASN D 97 22.30 10.66 8.71
N ALA D 98 23.64 10.65 8.60
CA ALA D 98 24.36 11.30 7.48
C ALA D 98 23.68 10.89 6.16
N ALA D 99 23.36 11.86 5.31
CA ALA D 99 22.75 11.65 3.98
C ALA D 99 22.73 12.99 3.26
N ILE D 100 22.37 12.97 1.96
CA ILE D 100 22.25 14.18 1.09
C ILE D 100 20.82 14.24 0.54
N ALA D 101 20.45 15.41 0.02
CA ALA D 101 19.13 15.74 -0.54
C ALA D 101 19.36 16.85 -1.54
N LYS D 102 19.82 16.53 -2.74
CA LYS D 102 20.35 17.54 -3.69
C LYS D 102 19.53 17.61 -4.98
N SER D 103 18.80 16.54 -5.34
CA SER D 103 18.10 16.46 -6.64
C SER D 103 16.63 16.12 -6.42
N PHE D 104 15.79 16.96 -7.02
CA PHE D 104 14.31 16.92 -6.99
C PHE D 104 13.83 17.03 -8.44
N GLY D 105 12.53 16.93 -8.66
CA GLY D 105 11.92 17.24 -9.98
C GLY D 105 12.09 16.14 -11.03
N PRO D 106 11.84 16.49 -12.31
CA PRO D 106 11.63 15.51 -13.38
C PRO D 106 12.83 14.61 -13.74
N LEU D 107 12.50 13.35 -14.03
CA LEU D 107 13.46 12.30 -14.43
C LEU D 107 14.24 12.75 -15.67
N LEU D 108 13.56 13.29 -16.68
CA LEU D 108 14.22 13.73 -17.94
C LEU D 108 15.27 14.79 -17.65
N ASN D 109 15.15 15.48 -16.51
CA ASN D 109 15.98 16.67 -16.17
C ASN D 109 17.00 16.28 -15.10
N THR D 110 17.03 15.00 -14.67
CA THR D 110 17.97 14.53 -13.63
C THR D 110 19.13 13.84 -14.32
N PRO D 111 20.34 14.44 -14.32
CA PRO D 111 21.48 13.81 -14.98
C PRO D 111 22.04 12.64 -14.19
N ARG D 112 22.85 11.85 -14.88
CA ARG D 112 23.45 10.59 -14.40
C ARG D 112 24.13 10.79 -13.04
N GLU D 113 24.92 11.85 -12.90
CA GLU D 113 25.74 12.10 -11.69
C GLU D 113 24.84 12.28 -10.47
N GLN D 114 23.63 12.85 -10.61
CA GLN D 114 22.74 13.03 -9.43
C GLN D 114 22.23 11.64 -9.00
N TRP D 115 21.84 10.79 -9.96
CA TRP D 115 21.35 9.42 -9.66
C TRP D 115 22.47 8.68 -8.94
N ILE D 116 23.67 8.71 -9.52
CA ILE D 116 24.88 8.01 -9.01
C ILE D 116 25.15 8.51 -7.59
N GLU D 117 25.23 9.83 -7.37
CA GLU D 117 25.59 10.40 -6.04
C GLU D 117 24.60 9.95 -4.94
N HIS D 118 23.29 10.08 -5.20
CA HIS D 118 22.23 9.67 -4.23
C HIS D 118 22.35 8.17 -3.95
N PHE D 119 22.67 7.34 -4.93
CA PHE D 119 22.77 5.87 -4.65
C PHE D 119 23.94 5.62 -3.69
N PHE D 120 25.10 6.17 -4.02
CA PHE D 120 26.38 5.85 -3.32
C PHE D 120 26.33 6.37 -1.88
N THR D 121 25.80 7.57 -1.73
CA THR D 121 25.78 8.33 -0.47
C THR D 121 24.60 7.84 0.38
N ASN D 122 23.45 7.61 -0.23
CA ASN D 122 22.16 7.47 0.49
C ASN D 122 21.73 6.03 0.58
N VAL D 123 22.27 5.16 -0.28
CA VAL D 123 21.86 3.72 -0.26
C VAL D 123 23.08 2.90 0.10
N LEU D 124 24.13 2.94 -0.73
CA LEU D 124 25.32 2.10 -0.54
C LEU D 124 25.99 2.47 0.79
N GLY D 125 26.20 3.77 1.04
CA GLY D 125 26.85 4.25 2.28
C GLY D 125 26.24 3.57 3.50
N PRO D 126 24.94 3.81 3.79
CA PRO D 126 24.29 3.21 4.96
C PRO D 126 24.35 1.68 5.05
N ILE D 127 24.25 0.99 3.92
CA ILE D 127 24.34 -0.50 3.88
C ILE D 127 25.78 -0.92 4.29
N ARG D 128 26.78 -0.25 3.76
CA ARG D 128 28.20 -0.56 4.07
C ARG D 128 28.49 -0.18 5.53
N LEU D 129 27.97 0.97 5.98
CA LEU D 129 28.14 1.45 7.37
C LEU D 129 27.62 0.38 8.33
N PHE D 130 26.38 -0.06 8.12
CA PHE D 130 25.74 -1.11 8.94
C PHE D 130 26.56 -2.41 8.87
N GLN D 131 27.00 -2.81 7.67
CA GLN D 131 27.79 -4.06 7.49
C GLN D 131 29.05 -4.00 8.37
N GLU D 132 29.72 -2.83 8.39
CA GLU D 132 30.96 -2.61 9.17
C GLU D 132 30.66 -2.62 10.69
N LEU D 133 29.55 -2.02 11.15
CA LEU D 133 29.30 -1.82 12.60
C LEU D 133 28.43 -2.95 13.16
N TYR D 134 27.99 -3.89 12.32
CA TYR D 134 27.10 -5.00 12.73
C TYR D 134 27.73 -5.76 13.90
N PRO D 135 29.03 -6.16 13.83
CA PRO D 135 29.65 -6.93 14.92
C PRO D 135 29.61 -6.18 16.27
N LEU D 136 29.85 -4.86 16.27
CA LEU D 136 29.75 -4.01 17.47
C LEU D 136 28.29 -3.93 17.96
N ILE D 137 27.28 -3.84 17.07
CA ILE D 137 25.84 -3.77 17.47
C ILE D 137 25.43 -5.11 18.09
N LYS D 138 25.83 -6.22 17.46
CA LYS D 138 25.60 -7.61 17.91
C LYS D 138 26.00 -7.79 19.39
N LYS D 139 27.07 -7.13 19.85
CA LYS D 139 27.63 -7.30 21.22
C LYS D 139 26.94 -6.35 22.22
N GLY D 140 26.13 -5.40 21.74
CA GLY D 140 25.42 -4.45 22.62
C GLY D 140 24.13 -5.07 23.16
N THR D 141 23.41 -4.33 23.99
CA THR D 141 22.19 -4.83 24.69
C THR D 141 20.95 -4.51 23.85
N GLN D 142 20.81 -3.28 23.39
CA GLN D 142 19.55 -2.78 22.78
C GLN D 142 19.38 -3.35 21.36
N LYS D 143 20.48 -3.52 20.62
CA LYS D 143 20.44 -3.98 19.20
C LYS D 143 19.38 -3.16 18.44
N LYS D 144 19.35 -1.85 18.64
CA LYS D 144 18.43 -0.90 17.94
C LYS D 144 19.17 -0.26 16.77
N VAL D 145 18.55 -0.30 15.59
CA VAL D 145 19.15 0.10 14.28
C VAL D 145 18.15 1.04 13.63
N PHE D 146 18.53 2.29 13.47
CA PHE D 146 17.70 3.34 12.85
C PHE D 146 18.43 3.86 11.62
N PHE D 147 17.76 3.76 10.48
CA PHE D 147 18.09 4.51 9.25
C PHE D 147 17.17 5.72 9.19
N ILE D 148 17.76 6.92 9.20
CA ILE D 148 16.98 8.15 8.94
C ILE D 148 16.55 8.12 7.48
N SER D 149 15.24 8.01 7.24
CA SER D 149 14.67 7.92 5.88
C SER D 149 13.90 9.23 5.66
N SER D 150 12.98 9.25 4.71
CA SER D 150 12.10 10.41 4.43
C SER D 150 10.72 9.83 4.11
N ASN D 151 9.65 10.54 4.46
CA ASN D 151 8.29 10.15 4.00
C ASN D 151 8.28 10.22 2.47
N ALA D 152 9.12 11.03 1.82
CA ALA D 152 9.20 11.14 0.35
C ALA D 152 9.62 9.81 -0.29
N GLY D 153 10.19 8.89 0.49
CA GLY D 153 10.68 7.57 0.04
C GLY D 153 9.58 6.53 -0.08
N SER D 154 8.39 6.81 0.46
CA SER D 154 7.23 5.89 0.38
C SER D 154 6.84 5.69 -1.08
N LEU D 155 6.50 4.44 -1.39
CA LEU D 155 5.95 4.08 -2.72
C LEU D 155 4.43 4.35 -2.71
N ASN D 156 3.85 4.78 -1.58
CA ASN D 156 2.37 4.89 -1.43
C ASN D 156 1.91 6.23 -0.83
N LEU D 157 2.72 7.29 -0.92
CA LEU D 157 2.33 8.67 -0.54
C LEU D 157 2.51 9.57 -1.77
N ASP D 158 1.63 10.56 -1.90
CA ASP D 158 1.65 11.57 -2.99
C ASP D 158 1.66 12.97 -2.38
N PHE D 159 2.79 13.67 -2.47
CA PHE D 159 3.02 14.98 -1.83
C PHE D 159 2.73 16.10 -2.83
N GLY D 160 2.33 15.73 -4.05
CA GLY D 160 2.23 16.62 -5.22
C GLY D 160 3.59 17.21 -5.56
N LEU D 161 4.64 16.47 -5.24
CA LEU D 161 6.05 16.80 -5.59
C LEU D 161 6.72 15.55 -6.17
N ASP D 162 7.74 15.76 -7.00
CA ASP D 162 8.73 14.74 -7.43
C ASP D 162 10.03 14.93 -6.65
N PHE D 163 10.65 13.81 -6.25
CA PHE D 163 11.87 13.76 -5.40
C PHE D 163 13.05 13.13 -6.17
N SER D 164 12.88 12.76 -7.44
CA SER D 164 14.04 12.43 -8.31
C SER D 164 14.95 11.40 -7.60
N ALA D 165 16.26 11.63 -7.60
CA ALA D 165 17.28 10.74 -7.00
C ALA D 165 17.11 10.69 -5.49
N PHE D 166 16.76 11.82 -4.85
CA PHE D 166 16.53 11.89 -3.38
C PHE D 166 15.53 10.82 -3.00
N GLY D 167 14.31 10.93 -3.54
CA GLY D 167 13.21 9.99 -3.27
C GLY D 167 13.57 8.55 -3.59
N GLN D 168 14.12 8.30 -4.78
CA GLN D 168 14.53 6.95 -5.23
C GLN D 168 15.49 6.35 -4.22
N SER D 169 16.49 7.13 -3.78
CA SER D 169 17.52 6.74 -2.80
C SER D 169 16.84 6.30 -1.49
N LYS D 170 15.84 7.07 -1.02
CA LYS D 170 15.19 6.79 0.29
C LYS D 170 14.33 5.54 0.14
N ALA D 171 13.72 5.34 -1.04
CA ALA D 171 12.89 4.15 -1.35
C ALA D 171 13.80 2.91 -1.45
N ALA D 172 14.94 3.02 -2.12
CA ALA D 172 15.92 1.92 -2.21
C ALA D 172 16.35 1.51 -0.79
N LEU D 173 16.80 2.43 0.06
CA LEU D 173 17.28 2.07 1.43
C LEU D 173 16.10 1.50 2.24
N ASN D 174 14.89 2.08 2.10
CA ASN D 174 13.64 1.55 2.72
C ASN D 174 13.52 0.07 2.35
N TYR D 175 13.66 -0.28 1.09
CA TYR D 175 13.47 -1.68 0.63
C TYR D 175 14.42 -2.60 1.41
N SER D 176 15.70 -2.20 1.49
CA SER D 176 16.77 -3.02 2.13
C SER D 176 16.59 -3.02 3.66
N THR D 177 16.10 -1.92 4.23
CA THR D 177 15.81 -1.82 5.69
C THR D 177 14.74 -2.84 6.05
N LYS D 178 13.66 -2.86 5.27
CA LYS D 178 12.58 -3.89 5.40
C LYS D 178 13.19 -5.29 5.42
N GLU D 179 14.02 -5.64 4.43
CA GLU D 179 14.66 -6.98 4.36
C GLU D 179 15.54 -7.20 5.59
N LEU D 180 16.32 -6.18 6.00
CA LEU D 180 17.25 -6.31 7.14
C LEU D 180 16.47 -6.63 8.41
N ALA D 181 15.32 -5.97 8.63
CA ALA D 181 14.40 -6.19 9.76
C ALA D 181 14.01 -7.67 9.82
N ARG D 182 13.50 -8.25 8.72
CA ARG D 182 13.16 -9.70 8.61
C ARG D 182 14.38 -10.53 8.99
N GLN D 183 15.53 -10.25 8.35
CA GLN D 183 16.76 -11.06 8.47
C GLN D 183 17.30 -11.07 9.91
N LEU D 184 17.09 -10.01 10.69
CA LEU D 184 17.79 -9.85 12.01
C LEU D 184 16.82 -10.10 13.18
N LYS D 185 15.54 -10.34 12.88
CA LYS D 185 14.46 -10.55 13.88
C LYS D 185 14.85 -11.69 14.81
N PRO D 186 15.32 -12.85 14.30
CA PRO D 186 15.77 -13.95 15.15
C PRO D 186 16.91 -13.59 16.12
N GLU D 187 17.67 -12.53 15.82
CA GLU D 187 18.79 -12.06 16.68
C GLU D 187 18.29 -10.94 17.59
N ASN D 188 16.97 -10.74 17.62
CA ASN D 188 16.25 -9.75 18.48
C ASN D 188 16.75 -8.32 18.20
N PHE D 189 17.19 -8.03 16.98
CA PHE D 189 17.45 -6.66 16.48
C PHE D 189 16.11 -5.91 16.28
N ILE D 190 16.12 -4.61 16.57
CA ILE D 190 15.00 -3.68 16.28
C ILE D 190 15.46 -2.73 15.19
N VAL D 191 14.93 -2.95 13.98
CA VAL D 191 15.34 -2.21 12.76
C VAL D 191 14.14 -1.35 12.34
N ALA D 192 14.38 -0.04 12.18
CA ALA D 192 13.35 0.92 11.78
C ALA D 192 13.92 1.87 10.74
N ALA D 193 13.06 2.26 9.77
CA ALA D 193 13.19 3.48 8.93
C ALA D 193 12.34 4.60 9.56
N VAL D 194 12.94 5.77 9.75
CA VAL D 194 12.29 6.90 10.46
C VAL D 194 12.39 8.19 9.65
N HIS D 195 11.25 8.83 9.39
CA HIS D 195 11.19 10.20 8.83
C HIS D 195 11.30 11.17 10.00
N PRO D 196 12.33 12.05 10.01
CA PRO D 196 12.56 12.92 11.17
C PRO D 196 11.73 14.22 11.12
N GLY D 197 10.82 14.32 10.14
CA GLY D 197 10.08 15.56 9.86
C GLY D 197 10.88 16.42 8.92
N VAL D 198 10.31 17.53 8.46
CA VAL D 198 10.96 18.54 7.58
C VAL D 198 11.58 19.59 8.49
N VAL D 199 12.90 19.58 8.69
CA VAL D 199 13.62 20.56 9.55
C VAL D 199 14.37 21.53 8.65
N GLU D 226 4.03 19.91 4.24
CA GLU D 226 4.21 19.48 5.66
C GLU D 226 4.77 20.66 6.48
N THR D 227 4.20 20.89 7.67
CA THR D 227 4.67 21.92 8.64
C THR D 227 6.11 21.59 9.02
N LYS D 228 7.01 22.58 8.93
CA LYS D 228 8.45 22.44 9.25
C LYS D 228 8.65 22.41 10.77
N ILE D 229 9.69 21.72 11.24
CA ILE D 229 10.00 21.68 12.70
C ILE D 229 11.47 22.02 12.89
N THR D 230 11.83 22.44 14.08
CA THR D 230 13.21 22.79 14.45
C THR D 230 13.97 21.50 14.58
N PRO D 231 15.29 21.51 14.29
CA PRO D 231 16.18 20.38 14.57
C PRO D 231 16.06 19.95 16.04
N GLU D 232 15.86 20.91 16.96
CA GLU D 232 15.75 20.61 18.40
C GLU D 232 14.48 19.76 18.60
N GLU D 233 13.37 20.12 17.93
CA GLU D 233 12.07 19.39 18.02
C GLU D 233 12.22 17.98 17.42
N SER D 234 12.86 17.84 16.25
CA SER D 234 13.00 16.53 15.55
C SER D 234 13.80 15.58 16.43
N ALA D 235 14.97 16.05 16.86
CA ALA D 235 15.87 15.41 17.85
C ALA D 235 15.08 14.90 19.05
N ALA D 236 14.26 15.74 19.69
CA ALA D 236 13.55 15.35 20.95
C ALA D 236 12.60 14.19 20.67
N ALA D 237 11.81 14.33 19.61
CA ALA D 237 10.83 13.30 19.18
C ALA D 237 11.61 12.04 18.79
N LEU D 238 12.66 12.19 17.97
CA LEU D 238 13.49 11.03 17.55
C LEU D 238 14.03 10.30 18.79
N CYS D 239 14.59 11.04 19.73
CA CYS D 239 15.13 10.45 21.00
C CYS D 239 14.11 9.55 21.69
N LYS D 240 12.87 10.02 21.87
CA LYS D 240 11.85 9.26 22.65
C LYS D 240 11.37 8.06 21.82
N LEU D 241 11.34 8.22 20.49
CA LEU D 241 11.02 7.12 19.52
C LEU D 241 12.08 6.02 19.67
N PHE D 242 13.35 6.43 19.66
CA PHE D 242 14.54 5.54 19.79
C PHE D 242 14.41 4.75 21.11
N GLU D 243 13.98 5.38 22.20
CA GLU D 243 13.92 4.68 23.52
C GLU D 243 12.68 3.78 23.59
N SER D 244 11.50 4.20 23.10
CA SER D 244 10.23 3.45 23.30
C SER D 244 10.03 2.32 22.27
N LEU D 245 10.68 2.35 21.09
CA LEU D 245 10.40 1.36 20.00
C LEU D 245 10.84 -0.04 20.42
N ASN D 246 9.91 -0.99 20.38
CA ASN D 246 10.11 -2.35 20.96
C ASN D 246 9.85 -3.41 19.89
N THR D 247 9.52 -3.03 18.65
CA THR D 247 9.24 -4.01 17.57
C THR D 247 9.97 -3.56 16.32
N THR D 248 10.36 -4.54 15.51
CA THR D 248 11.18 -4.36 14.31
C THR D 248 10.28 -4.23 13.05
N GLY D 249 10.85 -3.72 11.97
CA GLY D 249 10.24 -3.71 10.63
C GLY D 249 9.27 -2.56 10.47
N LYS D 250 9.31 -1.56 11.34
CA LYS D 250 8.39 -0.39 11.24
C LYS D 250 9.04 0.66 10.34
N TYR D 251 8.19 1.43 9.65
CA TYR D 251 8.52 2.69 8.93
C TYR D 251 7.77 3.79 9.68
N LEU D 252 8.48 4.66 10.38
CA LEU D 252 7.85 5.57 11.37
C LEU D 252 8.16 7.02 11.01
N SER D 253 7.18 7.90 11.20
CA SER D 253 7.37 9.36 11.34
C SER D 253 7.86 9.63 12.78
N TYR D 254 8.46 10.79 13.00
CA TYR D 254 9.07 11.22 14.29
C TYR D 254 8.02 11.18 15.43
N ASP D 255 6.76 11.51 15.13
CA ASP D 255 5.63 11.51 16.10
C ASP D 255 5.30 10.08 16.56
N GLY D 256 5.90 9.05 15.98
CA GLY D 256 5.66 7.67 16.43
C GLY D 256 4.62 6.95 15.58
N THR D 257 3.87 7.68 14.74
CA THR D 257 2.85 7.11 13.82
C THR D 257 3.53 6.42 12.63
N GLU D 258 2.88 5.39 12.09
CA GLU D 258 3.44 4.56 11.02
C GLU D 258 3.23 5.24 9.67
N LEU D 259 4.15 4.95 8.74
CA LEU D 259 4.03 5.32 7.31
C LEU D 259 3.91 4.06 6.48
N PRO D 260 3.17 4.12 5.35
CA PRO D 260 3.22 3.05 4.34
C PRO D 260 4.54 3.02 3.55
N TRP D 261 5.11 1.83 3.39
CA TRP D 261 6.40 1.57 2.68
C TRP D 261 6.36 2.10 1.24
PA NDP E . 17.49 -13.53 -19.22
O1A NDP E . 17.88 -13.75 -17.81
O2A NDP E . 17.29 -14.73 -20.06
O5B NDP E . 18.45 -12.48 -19.91
C5B NDP E . 18.44 -11.09 -19.49
C4B NDP E . 18.53 -10.19 -20.70
O4B NDP E . 19.09 -8.89 -20.34
C3B NDP E . 19.40 -10.71 -21.85
O3B NDP E . 18.76 -10.23 -23.00
C2B NDP E . 20.73 -10.04 -21.52
O2B NDP E . 21.83 -9.95 -22.39
C1B NDP E . 20.18 -8.65 -21.19
N9A NDP E . 21.18 -7.84 -20.53
C8A NDP E . 21.83 -8.12 -19.36
N7A NDP E . 22.74 -7.25 -19.06
C5A NDP E . 22.71 -6.35 -20.11
C6A NDP E . 23.44 -5.19 -20.38
N6A NDP E . 24.44 -4.74 -19.61
N1A NDP E . 23.16 -4.53 -21.51
C2A NDP E . 22.18 -4.98 -22.29
N3A NDP E . 21.45 -6.07 -22.16
C4A NDP E . 21.76 -6.72 -21.03
O3 NDP E . 16.17 -12.66 -19.25
PN NDP E . 14.62 -12.96 -19.20
O1N NDP E . 14.06 -12.79 -20.55
O2N NDP E . 14.46 -14.26 -18.51
O5D NDP E . 14.14 -11.76 -18.25
C5D NDP E . 13.73 -10.51 -18.87
C4D NDP E . 13.28 -9.51 -17.82
O4D NDP E . 12.55 -10.17 -16.76
C3D NDP E . 14.37 -8.70 -17.11
O3D NDP E . 14.11 -7.32 -17.27
C2D NDP E . 14.12 -8.99 -15.63
O2D NDP E . 14.35 -7.93 -14.73
C1D NDP E . 12.64 -9.36 -15.63
N1N NDP E . 12.29 -10.16 -14.44
C2N NDP E . 12.41 -11.51 -14.50
C3N NDP E . 11.65 -12.31 -13.72
C7N NDP E . 11.39 -13.66 -14.32
O7N NDP E . 11.00 -14.62 -13.66
N7N NDP E . 11.64 -13.77 -15.62
C4N NDP E . 11.22 -11.73 -12.40
C5N NDP E . 11.77 -10.37 -12.22
C6N NDP E . 11.93 -9.59 -13.27
P2B NDP E . 23.07 -10.92 -22.31
O1X NDP E . 22.58 -12.08 -23.04
O2X NDP E . 23.33 -11.22 -20.88
O3X NDP E . 24.20 -10.28 -22.95
PA NDP F . -21.95 17.54 7.50
O1A NDP F . -21.21 16.52 8.28
O2A NDP F . -22.05 18.93 8.02
O5B NDP F . -23.36 16.96 7.10
C5B NDP F . -23.40 15.76 6.30
C4B NDP F . -24.48 15.90 5.26
O4B NDP F . -25.08 14.61 5.01
C3B NDP F . -25.64 16.81 5.65
O3B NDP F . -26.07 17.32 4.41
C2B NDP F . -26.62 15.82 6.28
O2B NDP F . -28.02 16.16 6.30
C1B NDP F . -26.44 14.69 5.29
N9A NDP F . -26.95 13.43 5.82
C8A NDP F . -26.68 12.86 7.03
N7A NDP F . -27.35 11.78 7.26
C5A NDP F . -28.15 11.64 6.14
C6A NDP F . -29.10 10.67 5.78
N6A NDP F . -29.45 9.67 6.55
N1A NDP F . -29.71 10.84 4.59
C2A NDP F . -29.37 11.87 3.81
N3A NDP F . -28.50 12.84 4.06
C4A NDP F . -27.92 12.66 5.25
O3 NDP F . -21.31 17.60 6.04
PN NDP F . -19.87 18.03 5.58
O1N NDP F . -19.99 18.98 4.45
O2N NDP F . -19.21 18.50 6.81
O5D NDP F . -19.19 16.65 5.09
C5D NDP F . -19.58 16.06 3.81
C4D NDP F . -18.77 14.82 3.51
O4D NDP F . -17.45 14.91 4.10
C3D NDP F . -19.33 13.50 4.06
O3D NDP F . -19.45 12.52 3.05
C2D NDP F . -18.22 13.00 4.99
O2D NDP F . -18.05 11.59 5.08
C1D NDP F . -17.01 13.61 4.33
N1N NDP F . -15.84 13.61 5.25
C2N NDP F . -15.77 14.50 6.27
C3N NDP F . -14.57 15.01 6.62
C7N NDP F . -14.58 16.44 7.00
O7N NDP F . -13.95 16.85 7.97
N7N NDP F . -15.29 17.25 6.23
C4N NDP F . -13.42 14.09 6.55
C5N NDP F . -13.60 13.13 5.47
C6N NDP F . -14.81 12.76 5.09
P2B NDP F . -28.91 16.32 7.62
O1X NDP F . -28.32 15.60 8.76
O2X NDP F . -30.25 15.90 7.33
O3X NDP F . -28.83 17.78 7.79
PA NDP G . -17.03 -22.95 5.52
O1A NDP G . -17.59 -22.22 4.36
O2A NDP G . -17.60 -24.28 5.84
O5B NDP G . -17.07 -22.02 6.82
C5B NDP G . -18.31 -21.83 7.52
C4B NDP G . -18.15 -22.16 8.97
O4B NDP G . -18.67 -21.03 9.74
C3B NDP G . -18.98 -23.34 9.48
O3B NDP G . -18.49 -23.68 10.77
C2B NDP G . -20.33 -22.69 9.62
O2B NDP G . -21.32 -23.42 10.38
C1B NDP G . -19.87 -21.42 10.33
N9A NDP G . -20.82 -20.34 10.24
C8A NDP G . -21.32 -19.75 9.12
N7A NDP G . -22.24 -18.86 9.39
C5A NDP G . -22.38 -18.90 10.76
C6A NDP G . -23.20 -18.21 11.66
N6A NDP G . -24.14 -17.35 11.30
N1A NDP G . -23.07 -18.50 12.97
C2A NDP G . -22.15 -19.38 13.34
N3A NDP G . -21.35 -20.11 12.59
C4A NDP G . -21.51 -19.81 11.29
O3 NDP G . -15.44 -23.15 5.42
PN NDP G . -14.32 -23.21 6.56
O1N NDP G . -14.91 -23.67 7.84
O2N NDP G . -13.15 -23.98 6.10
O5D NDP G . -13.99 -21.63 6.61
C5D NDP G . -13.09 -21.13 7.63
C4D NDP G . -12.71 -19.69 7.40
O4D NDP G . -12.01 -19.46 6.16
C3D NDP G . -13.82 -18.63 7.43
O3D NDP G . -13.47 -17.67 8.40
C2D NDP G . -13.68 -17.93 6.08
O2D NDP G . -14.05 -16.55 6.09
C1D NDP G . -12.18 -18.09 5.85
N1N NDP G . -11.80 -17.80 4.45
C2N NDP G . -11.97 -18.73 3.48
C3N NDP G . -11.12 -18.79 2.43
C7N NDP G . -10.75 -20.16 1.99
O7N NDP G . -10.61 -20.45 0.81
N7N NDP G . -10.68 -21.06 2.96
C4N NDP G . -10.67 -17.49 1.90
C5N NDP G . -10.43 -16.61 3.04
C6N NDP G . -11.24 -16.63 4.08
P2B NDP G . -22.46 -24.27 9.58
O1X NDP G . -23.08 -23.41 8.54
O2X NDP G . -23.46 -24.82 10.50
O3X NDP G . -21.63 -25.33 8.96
PA NDP H . 21.70 18.40 6.16
O1A NDP H . 21.48 17.60 4.93
O2A NDP H . 21.80 19.86 5.97
O5B NDP H . 23.01 17.81 6.85
C5B NDP H . 23.25 16.41 6.46
C4B NDP H . 24.27 15.74 7.34
O4B NDP H . 24.87 14.64 6.62
C3B NDP H . 25.44 16.60 7.81
O3B NDP H . 25.81 16.05 9.05
C2B NDP H . 26.42 16.38 6.67
O2B NDP H . 27.77 16.73 6.94
C1B NDP H . 26.25 14.88 6.51
N9A NDP H . 26.76 14.35 5.25
C8A NDP H . 26.47 14.76 3.99
N7A NDP H . 27.15 14.12 3.08
C5A NDP H . 27.94 13.25 3.80
C6A NDP H . 28.88 12.28 3.42
N6A NDP H . 29.23 12.05 2.16
N1A NDP H . 29.49 11.57 4.40
C2A NDP H . 29.15 11.80 5.66
N3A NDP H . 28.29 12.69 6.13
C4A NDP H . 27.72 13.40 5.14
O3 NDP H . 20.55 18.05 7.25
PN NDP H . 20.42 17.16 8.58
O1N NDP H . 21.74 17.18 9.28
O2N NDP H . 19.29 17.49 9.47
O5D NDP H . 20.17 15.69 8.00
C5D NDP H . 19.26 14.78 8.69
C4D NDP H . 18.75 13.76 7.71
O4D NDP H . 17.31 13.72 7.72
C3D NDP H . 19.04 14.08 6.25
O3D NDP H . 20.45 13.94 6.09
C2D NDP H . 17.97 13.22 5.50
O2D NDP H . 18.34 11.97 4.94
C1D NDP H . 16.89 13.04 6.56
N1N NDP H . 15.55 13.54 6.12
C2N NDP H . 15.32 14.87 6.01
C3N NDP H . 14.10 15.40 6.28
C7N NDP H . 14.06 16.86 6.54
O7N NDP H . 13.01 17.49 6.36
N7N NDP H . 15.18 17.47 6.90
C4N NDP H . 12.98 14.49 6.33
C5N NDP H . 13.32 13.16 5.81
C6N NDP H . 14.56 12.71 5.80
P2B NDP H . 28.38 18.00 6.26
O1X NDP H . 27.73 18.31 4.96
O2X NDP H . 29.81 17.79 6.15
O3X NDP H . 28.08 19.01 7.27
#